data_7LSR
#
_entry.id   7LSR
#
_cell.length_a   47.029
_cell.length_b   98.231
_cell.length_c   170.279
_cell.angle_alpha   90.000
_cell.angle_beta   90.000
_cell.angle_gamma   90.000
#
_symmetry.space_group_name_H-M   'P 21 21 21'
#
loop_
_entity.id
_entity.type
_entity.pdbx_description
1 polymer Pullulanase
2 branched alpha-D-glucopyranose-(1-4)-alpha-D-glucopyranose-(1-4)-alpha-D-glucopyranose-(1-4)-alpha-D-glucopyranose-(1-4)-beta-D-glucopyranose
3 branched alpha-D-glucopyranose-(1-4)-alpha-D-glucopyranose-(1-4)-alpha-D-glucopyranose
4 non-polymer 'CALCIUM ION'
5 non-polymer GLYCEROL
6 water water
#
_entity_poly.entity_id   1
_entity_poly.type   'polypeptide(L)'
_entity_poly.pdbx_seq_one_letter_code
;MRTTKKIVSAVLAACMLASTAVVSSFAATADDSSAVSSDYARDNSYTKAAEDIDAQYAYSGNDLGVTYTKDATTFKVWSP
TATGVKLNIFTKGSDDEQGASKVASYTLEKMLVDGEWNGVWTITLVGEWKDYYYTYSVTTTDTTHIGSDATKTYETQDVY
STATGVNGKRSMIVDLDETDPEGWSNDSHVLLDKSTKSSVWELHIKDFSYDKASGVSDANRGKYLAFTENGTTLNGEGKV
STCIDYLKELGVTTVQLNPFYDFQSVNEAGDDSQFNWGYDPVNYNVPEGSYSSNPYDGKVRIKECKEMIKALHDAGISVV
MDVVYNHTYSTDSCFQYTVPNYYYRMKTTGAFSDGSGCGNEGATERAMYRQYVIDSLKYWVNEYHVDGFRFALMGLMDVE
TMNMAREALDQIDPRITMWGEGWAGGDSYHPTNTCSGTKFYPATQANASRLSDRIAIFNDGIRDGIKGSAMDISDVGFIQ
GSKSSAKGVSYGVRANSSGTYKWKAQAPSQCVTYDACHDNATLYDQIIASTGLADYGERNSEAVKMNRLASAIIYTSQGI
SFTLAGEEMARSKDGDTNSYKSAANLNMIKWQNVVDYADVVSYYKGMMQIKSAFSPLTAMDNSYADKYTFTKKVSASTNQ
ISFTIQNDVEGEWNKMAVIYNNATTAADVTLSDTSVTDWVVIANGETAGLDSLGEVTGSTFTVPARSAIVAVDKAGYESA
GIHSSKGKVKVNYVYEATGEKLEDSVILQGSVGSGYVTVPSAVIPDTYIVSRIGGNAEGKYTSDMQEVTYYYTDYIP
;
_entity_poly.pdbx_strand_id   A
#
loop_
_chem_comp.id
_chem_comp.type
_chem_comp.name
_chem_comp.formula
BGC D-saccharide, beta linking beta-D-glucopyranose 'C6 H12 O6'
CA non-polymer 'CALCIUM ION' 'Ca 2'
GLC D-saccharide, alpha linking alpha-D-glucopyranose 'C6 H12 O6'
GOL non-polymer GLYCEROL 'C3 H8 O3'
#
# COMPACT_ATOMS: atom_id res chain seq x y z
N SER A 37 -23.09 7.38 7.46
CA SER A 37 -22.64 6.21 6.64
C SER A 37 -22.88 4.90 7.41
N SER A 38 -23.98 4.21 7.07
CA SER A 38 -24.44 3.02 7.79
C SER A 38 -24.66 1.86 6.82
N ASP A 39 -24.87 0.66 7.38
CA ASP A 39 -25.26 -0.52 6.62
C ASP A 39 -26.64 -0.98 7.10
N TYR A 40 -27.45 -1.49 6.15
CA TYR A 40 -28.85 -1.86 6.40
C TYR A 40 -29.13 -3.24 5.79
N ALA A 41 -29.68 -4.13 6.62
CA ALA A 41 -30.16 -5.44 6.17
C ALA A 41 -31.60 -5.30 5.66
N ARG A 42 -31.76 -5.38 4.33
CA ARG A 42 -33.05 -5.27 3.67
C ARG A 42 -33.18 -6.39 2.64
N ASP A 43 -34.10 -7.33 2.90
CA ASP A 43 -34.43 -8.42 1.98
C ASP A 43 -35.51 -7.92 1.01
N ASN A 44 -35.38 -8.32 -0.27
CA ASN A 44 -36.28 -7.89 -1.33
C ASN A 44 -36.21 -8.92 -2.47
N SER A 45 -36.97 -8.66 -3.54
CA SER A 45 -37.14 -9.61 -4.66
C SER A 45 -35.80 -9.94 -5.32
N TYR A 46 -34.86 -8.98 -5.34
CA TYR A 46 -33.54 -9.18 -5.95
C TYR A 46 -32.70 -10.13 -5.09
N THR A 47 -32.69 -9.91 -3.77
CA THR A 47 -31.91 -10.71 -2.82
C THR A 47 -32.54 -12.11 -2.70
N LYS A 48 -33.88 -12.14 -2.63
CA LYS A 48 -34.68 -13.38 -2.61
C LYS A 48 -34.29 -14.26 -3.81
N ALA A 49 -34.25 -13.64 -5.01
CA ALA A 49 -34.00 -14.34 -6.27
C ALA A 49 -32.56 -14.87 -6.30
N ALA A 50 -31.61 -14.01 -5.96
CA ALA A 50 -30.18 -14.32 -6.01
C ALA A 50 -29.86 -15.51 -5.08
N GLU A 51 -30.50 -15.53 -3.91
CA GLU A 51 -30.34 -16.61 -2.94
C GLU A 51 -30.83 -17.93 -3.55
N ASP A 52 -31.98 -17.89 -4.24
CA ASP A 52 -32.56 -19.07 -4.89
C ASP A 52 -31.65 -19.54 -6.04
N ILE A 53 -31.02 -18.59 -6.74
CA ILE A 53 -30.07 -18.89 -7.81
C ILE A 53 -28.87 -19.67 -7.24
N ASP A 54 -28.37 -19.21 -6.08
CA ASP A 54 -27.21 -19.83 -5.41
C ASP A 54 -27.56 -21.24 -4.95
N ALA A 55 -28.80 -21.44 -4.48
CA ALA A 55 -29.26 -22.73 -4.00
C ALA A 55 -29.20 -23.79 -5.12
N GLN A 56 -29.59 -23.38 -6.33
CA GLN A 56 -29.75 -24.31 -7.46
C GLN A 56 -28.48 -24.37 -8.31
N TYR A 57 -27.91 -23.20 -8.65
CA TYR A 57 -26.97 -23.07 -9.76
C TYR A 57 -25.51 -22.87 -9.29
N ALA A 58 -25.29 -22.54 -8.01
CA ALA A 58 -23.94 -22.29 -7.49
C ALA A 58 -22.97 -23.36 -8.02
N TYR A 59 -21.90 -22.91 -8.69
CA TYR A 59 -20.96 -23.78 -9.40
C TYR A 59 -19.59 -23.71 -8.71
N SER A 60 -19.25 -24.79 -7.98
CA SER A 60 -17.98 -24.91 -7.26
C SER A 60 -16.88 -25.42 -8.20
N GLY A 61 -17.25 -25.79 -9.43
CA GLY A 61 -16.30 -26.10 -10.49
C GLY A 61 -15.27 -24.99 -10.65
N ASN A 62 -14.08 -25.38 -11.12
CA ASN A 62 -12.87 -24.60 -10.97
C ASN A 62 -12.26 -24.33 -12.36
N ASP A 63 -13.13 -24.20 -13.36
CA ASP A 63 -12.72 -24.14 -14.77
C ASP A 63 -13.52 -23.07 -15.53
N LEU A 64 -13.96 -22.02 -14.83
CA LEU A 64 -14.69 -20.93 -15.47
C LEU A 64 -13.67 -20.01 -16.19
N GLY A 65 -13.97 -19.72 -17.46
CA GLY A 65 -13.06 -19.01 -18.35
C GLY A 65 -12.50 -19.93 -19.42
N VAL A 66 -11.26 -19.67 -19.84
CA VAL A 66 -10.58 -20.46 -20.87
C VAL A 66 -9.75 -21.56 -20.19
N THR A 67 -9.78 -22.76 -20.79
CA THR A 67 -8.95 -23.89 -20.40
C THR A 67 -8.10 -24.29 -21.62
N TYR A 68 -7.00 -23.56 -21.82
CA TYR A 68 -6.18 -23.68 -23.03
C TYR A 68 -5.32 -24.95 -22.99
N THR A 69 -5.30 -25.66 -24.12
CA THR A 69 -4.26 -26.63 -24.46
C THR A 69 -3.88 -26.41 -25.94
N LYS A 70 -2.74 -26.97 -26.34
CA LYS A 70 -2.26 -26.87 -27.72
C LYS A 70 -3.25 -27.57 -28.66
N ASP A 71 -3.87 -28.65 -28.17
CA ASP A 71 -4.76 -29.50 -28.95
C ASP A 71 -6.17 -28.90 -29.03
N ALA A 72 -6.66 -28.32 -27.93
CA ALA A 72 -8.02 -27.76 -27.88
C ALA A 72 -8.13 -26.71 -26.76
N THR A 73 -9.15 -25.86 -26.88
CA THR A 73 -9.47 -24.79 -25.93
C THR A 73 -10.95 -24.86 -25.56
N THR A 74 -11.23 -24.95 -24.26
CA THR A 74 -12.60 -25.03 -23.73
C THR A 74 -12.96 -23.71 -23.04
N PHE A 75 -14.11 -23.14 -23.44
CA PHE A 75 -14.66 -21.91 -22.87
C PHE A 75 -15.85 -22.26 -21.98
N LYS A 76 -15.97 -21.55 -20.85
CA LYS A 76 -17.08 -21.75 -19.90
C LYS A 76 -17.52 -20.40 -19.32
N VAL A 77 -18.83 -20.19 -19.26
CA VAL A 77 -19.47 -18.97 -18.77
C VAL A 77 -20.63 -19.35 -17.86
N TRP A 78 -20.61 -18.83 -16.62
CA TRP A 78 -21.70 -19.02 -15.67
C TRP A 78 -22.75 -17.93 -15.87
N SER A 79 -23.97 -18.33 -16.26
CA SER A 79 -25.09 -17.41 -16.48
C SER A 79 -26.41 -18.18 -16.45
N PRO A 80 -26.99 -18.44 -15.25
CA PRO A 80 -28.30 -19.07 -15.15
C PRO A 80 -29.46 -18.23 -15.73
N THR A 81 -29.19 -16.96 -16.04
CA THR A 81 -30.17 -16.00 -16.54
C THR A 81 -30.23 -16.01 -18.07
N ALA A 82 -29.24 -16.62 -18.73
CA ALA A 82 -29.09 -16.56 -20.19
C ALA A 82 -30.01 -17.61 -20.86
N THR A 83 -30.43 -17.30 -22.09
CA THR A 83 -31.15 -18.22 -22.97
C THR A 83 -30.21 -18.74 -24.06
N GLY A 84 -29.06 -18.07 -24.23
CA GLY A 84 -28.06 -18.42 -25.25
C GLY A 84 -26.81 -17.57 -25.12
N VAL A 85 -25.66 -18.16 -25.47
CA VAL A 85 -24.35 -17.51 -25.44
C VAL A 85 -23.60 -17.89 -26.71
N LYS A 86 -23.15 -16.87 -27.46
CA LYS A 86 -22.29 -17.07 -28.63
C LYS A 86 -20.85 -16.69 -28.26
N LEU A 87 -19.89 -17.35 -28.92
CA LEU A 87 -18.47 -17.04 -28.82
C LEU A 87 -18.01 -16.39 -30.13
N ASN A 88 -17.46 -15.17 -30.02
CA ASN A 88 -16.96 -14.40 -31.15
C ASN A 88 -15.42 -14.39 -31.09
N ILE A 89 -14.77 -14.80 -32.20
CA ILE A 89 -13.31 -14.85 -32.29
C ILE A 89 -12.85 -13.71 -33.21
N PHE A 90 -11.75 -13.05 -32.82
CA PHE A 90 -11.12 -11.96 -33.58
C PHE A 90 -9.62 -12.22 -33.69
N THR A 91 -8.98 -11.52 -34.65
CA THR A 91 -7.54 -11.63 -34.89
C THR A 91 -6.78 -10.67 -33.95
N LYS A 92 -7.35 -9.47 -33.73
CA LYS A 92 -6.73 -8.42 -32.92
C LYS A 92 -7.71 -7.94 -31.85
N GLY A 93 -7.17 -7.24 -30.85
CA GLY A 93 -7.92 -6.77 -29.68
C GLY A 93 -8.87 -5.63 -30.01
N SER A 94 -8.49 -4.80 -30.98
CA SER A 94 -9.32 -3.69 -31.47
C SER A 94 -9.37 -3.73 -33.00
N ASP A 95 -10.38 -3.05 -33.56
CA ASP A 95 -10.66 -3.05 -35.01
C ASP A 95 -9.64 -2.17 -35.75
N ASP A 96 -9.05 -1.20 -35.05
CA ASP A 96 -8.12 -0.23 -35.65
C ASP A 96 -6.78 -0.90 -36.02
N GLU A 97 -6.37 -1.90 -35.24
CA GLU A 97 -5.05 -2.54 -35.37
C GLU A 97 -4.92 -3.18 -36.77
N GLN A 98 -3.66 -3.40 -37.18
CA GLN A 98 -3.34 -3.99 -38.47
C GLN A 98 -3.83 -5.45 -38.50
N GLY A 99 -4.47 -5.84 -39.62
CA GLY A 99 -4.93 -7.20 -39.84
C GLY A 99 -6.01 -7.62 -38.85
N ALA A 100 -6.88 -6.68 -38.49
CA ALA A 100 -7.98 -6.92 -37.56
C ALA A 100 -9.20 -7.43 -38.32
N SER A 101 -9.71 -8.59 -37.92
CA SER A 101 -10.89 -9.20 -38.51
C SER A 101 -11.50 -10.23 -37.54
N LYS A 102 -12.69 -10.72 -37.89
CA LYS A 102 -13.41 -11.72 -37.11
C LYS A 102 -13.23 -13.08 -37.80
N VAL A 103 -12.80 -14.08 -37.04
CA VAL A 103 -12.52 -15.41 -37.59
C VAL A 103 -13.86 -16.12 -37.85
N ALA A 104 -14.64 -16.29 -36.78
CA ALA A 104 -15.96 -16.93 -36.85
C ALA A 104 -16.69 -16.77 -35.52
N SER A 105 -17.97 -17.18 -35.51
CA SER A 105 -18.80 -17.24 -34.31
C SER A 105 -19.23 -18.69 -34.05
N TYR A 106 -19.34 -19.05 -32.78
CA TYR A 106 -19.77 -20.38 -32.34
C TYR A 106 -20.83 -20.24 -31.25
N THR A 107 -21.59 -21.31 -31.01
CA THR A 107 -22.67 -21.34 -30.03
C THR A 107 -22.29 -22.26 -28.86
N LEU A 108 -22.36 -21.71 -27.64
CA LEU A 108 -22.18 -22.49 -26.42
C LEU A 108 -23.48 -23.24 -26.11
N GLU A 109 -23.33 -24.46 -25.59
CA GLU A 109 -24.45 -25.32 -25.20
C GLU A 109 -24.45 -25.46 -23.67
N LYS A 110 -25.64 -25.71 -23.10
CA LYS A 110 -25.81 -25.85 -21.66
C LYS A 110 -25.03 -27.08 -21.18
N MET A 111 -24.31 -26.92 -20.07
CA MET A 111 -23.52 -27.98 -19.45
C MET A 111 -24.44 -28.79 -18.52
N LEU A 112 -24.77 -30.02 -18.93
CA LEU A 112 -25.73 -30.87 -18.22
C LEU A 112 -25.00 -31.97 -17.45
N VAL A 113 -25.38 -32.15 -16.18
CA VAL A 113 -24.92 -33.25 -15.33
C VAL A 113 -26.12 -34.16 -15.03
N ASP A 114 -26.13 -35.36 -15.62
CA ASP A 114 -27.23 -36.32 -15.52
C ASP A 114 -28.53 -35.69 -16.06
N GLY A 115 -28.41 -34.96 -17.18
CA GLY A 115 -29.53 -34.29 -17.83
C GLY A 115 -30.13 -33.19 -16.97
N GLU A 116 -29.27 -32.52 -16.19
CA GLU A 116 -29.66 -31.39 -15.32
C GLU A 116 -28.65 -30.26 -15.50
N TRP A 117 -29.16 -29.05 -15.75
CA TRP A 117 -28.35 -27.86 -16.02
C TRP A 117 -27.77 -27.33 -14.71
N ASN A 118 -26.48 -26.96 -14.75
CA ASN A 118 -25.74 -26.51 -13.55
C ASN A 118 -25.44 -25.01 -13.63
N GLY A 119 -26.00 -24.33 -14.64
CA GLY A 119 -25.89 -22.87 -14.79
C GLY A 119 -24.76 -22.44 -15.71
N VAL A 120 -23.94 -23.40 -16.17
CA VAL A 120 -22.74 -23.11 -16.94
C VAL A 120 -23.01 -23.39 -18.43
N TRP A 121 -22.53 -22.47 -19.28
CA TRP A 121 -22.46 -22.65 -20.73
C TRP A 121 -21.03 -23.07 -21.09
N THR A 122 -20.89 -23.92 -22.11
CA THR A 122 -19.58 -24.47 -22.48
C THR A 122 -19.49 -24.74 -23.99
N ILE A 123 -18.25 -24.81 -24.47
CA ILE A 123 -17.89 -25.22 -25.83
C ILE A 123 -16.40 -25.56 -25.85
N THR A 124 -16.01 -26.48 -26.75
CA THR A 124 -14.61 -26.87 -26.93
C THR A 124 -14.23 -26.74 -28.40
N LEU A 125 -13.34 -25.80 -28.71
CA LEU A 125 -12.78 -25.60 -30.05
C LEU A 125 -11.49 -26.40 -30.16
N VAL A 126 -11.51 -27.47 -30.98
CA VAL A 126 -10.34 -28.32 -31.22
C VAL A 126 -9.39 -27.59 -32.18
N GLY A 127 -8.09 -27.69 -31.88
CA GLY A 127 -7.02 -27.04 -32.66
C GLY A 127 -6.23 -26.05 -31.81
N GLU A 128 -5.29 -25.36 -32.47
CA GLU A 128 -4.46 -24.33 -31.86
C GLU A 128 -5.22 -23.00 -31.95
N TRP A 129 -5.51 -22.39 -30.78
CA TRP A 129 -6.31 -21.16 -30.70
C TRP A 129 -5.60 -20.09 -29.87
N LYS A 130 -4.30 -20.25 -29.60
CA LYS A 130 -3.55 -19.33 -28.77
C LYS A 130 -3.34 -18.02 -29.53
N ASP A 131 -3.36 -16.90 -28.78
CA ASP A 131 -3.03 -15.55 -29.27
C ASP A 131 -4.15 -15.01 -30.16
N TYR A 132 -5.30 -15.70 -30.21
CA TYR A 132 -6.52 -15.16 -30.80
C TYR A 132 -7.31 -14.43 -29.70
N TYR A 133 -8.07 -13.41 -30.10
CA TYR A 133 -8.91 -12.64 -29.18
C TYR A 133 -10.35 -13.13 -29.31
N TYR A 134 -11.14 -12.94 -28.24
CA TYR A 134 -12.52 -13.42 -28.19
C TYR A 134 -13.37 -12.54 -27.27
N THR A 135 -14.69 -12.72 -27.39
CA THR A 135 -15.69 -12.02 -26.59
C THR A 135 -17.04 -12.73 -26.75
N TYR A 136 -17.81 -12.81 -25.67
CA TYR A 136 -19.11 -13.48 -25.66
C TYR A 136 -20.21 -12.47 -26.00
N SER A 137 -21.25 -12.95 -26.70
CA SER A 137 -22.51 -12.26 -26.87
C SER A 137 -23.58 -12.99 -26.04
N VAL A 138 -24.00 -12.35 -24.94
CA VAL A 138 -24.85 -12.98 -23.92
C VAL A 138 -26.27 -12.44 -24.05
N THR A 139 -27.19 -13.29 -24.53
CA THR A 139 -28.63 -13.03 -24.51
C THR A 139 -29.19 -13.54 -23.18
N THR A 140 -29.71 -12.64 -22.35
CA THR A 140 -30.00 -12.93 -20.95
C THR A 140 -31.16 -12.07 -20.42
N THR A 141 -31.84 -12.62 -19.41
CA THR A 141 -32.78 -11.89 -18.56
C THR A 141 -32.01 -11.36 -17.35
N ASP A 142 -32.72 -10.67 -16.44
CA ASP A 142 -32.18 -10.30 -15.13
C ASP A 142 -32.51 -11.42 -14.14
N THR A 143 -32.08 -11.24 -12.88
CA THR A 143 -32.20 -12.27 -11.85
C THR A 143 -33.68 -12.51 -11.46
N THR A 144 -34.52 -11.48 -11.64
CA THR A 144 -35.90 -11.49 -11.14
C THR A 144 -36.90 -11.77 -12.28
N HIS A 145 -36.41 -12.08 -13.48
CA HIS A 145 -37.27 -12.37 -14.64
C HIS A 145 -36.73 -13.56 -15.43
N ILE A 146 -36.32 -14.64 -14.73
CA ILE A 146 -35.79 -15.85 -15.36
C ILE A 146 -36.96 -16.64 -15.95
N GLY A 147 -36.75 -17.17 -17.17
CA GLY A 147 -37.73 -18.01 -17.86
C GLY A 147 -38.58 -17.23 -18.86
N SER A 148 -38.54 -15.89 -18.76
CA SER A 148 -39.31 -15.00 -19.62
C SER A 148 -38.51 -14.67 -20.88
N ASP A 149 -39.17 -14.00 -21.83
CA ASP A 149 -38.56 -13.57 -23.09
C ASP A 149 -38.17 -12.09 -23.00
N ALA A 150 -38.14 -11.55 -21.78
CA ALA A 150 -37.64 -10.20 -21.51
C ALA A 150 -36.10 -10.23 -21.49
N THR A 151 -35.51 -10.43 -22.68
CA THR A 151 -34.09 -10.67 -22.85
C THR A 151 -33.44 -9.48 -23.57
N LYS A 152 -32.13 -9.32 -23.37
CA LYS A 152 -31.29 -8.39 -24.10
C LYS A 152 -29.96 -9.07 -24.41
N THR A 153 -29.28 -8.59 -25.46
CA THR A 153 -27.98 -9.09 -25.89
C THR A 153 -26.91 -8.03 -25.61
N TYR A 154 -25.87 -8.43 -24.88
CA TYR A 154 -24.70 -7.60 -24.60
C TYR A 154 -23.43 -8.31 -25.11
N GLU A 155 -22.53 -7.53 -25.71
CA GLU A 155 -21.19 -7.99 -26.07
C GLU A 155 -20.22 -7.63 -24.95
N THR A 156 -19.44 -8.62 -24.48
CA THR A 156 -18.58 -8.46 -23.32
C THR A 156 -17.35 -9.38 -23.41
N GLN A 157 -16.25 -8.92 -22.79
CA GLN A 157 -15.07 -9.74 -22.57
C GLN A 157 -15.39 -10.77 -21.48
N ASP A 158 -14.54 -11.80 -21.35
CA ASP A 158 -14.73 -12.88 -20.39
C ASP A 158 -14.66 -12.29 -18.96
N VAL A 159 -15.55 -12.77 -18.09
CA VAL A 159 -15.58 -12.40 -16.68
C VAL A 159 -14.30 -12.91 -16.02
N TYR A 160 -13.85 -14.10 -16.43
CA TYR A 160 -12.63 -14.73 -15.94
C TYR A 160 -11.49 -14.54 -16.95
N SER A 161 -11.39 -13.33 -17.52
CA SER A 161 -10.31 -12.97 -18.43
C SER A 161 -8.98 -13.01 -17.70
N THR A 162 -8.02 -13.76 -18.26
CA THR A 162 -6.63 -13.77 -17.80
C THR A 162 -5.79 -12.78 -18.61
N ALA A 163 -6.32 -12.37 -19.78
CA ALA A 163 -5.64 -11.46 -20.69
C ALA A 163 -6.68 -10.75 -21.57
N THR A 164 -6.33 -9.54 -22.01
CA THR A 164 -7.17 -8.73 -22.90
C THR A 164 -6.31 -7.90 -23.84
N GLY A 165 -6.95 -7.34 -24.87
CA GLY A 165 -6.34 -6.36 -25.76
C GLY A 165 -6.35 -4.97 -25.14
N VAL A 166 -6.26 -3.94 -25.99
CA VAL A 166 -6.22 -2.55 -25.54
C VAL A 166 -7.60 -2.17 -24.97
N ASN A 167 -7.59 -1.61 -23.77
CA ASN A 167 -8.77 -1.06 -23.07
C ASN A 167 -9.75 -2.18 -22.67
N GLY A 168 -9.24 -3.42 -22.58
CA GLY A 168 -9.94 -4.55 -21.96
C GLY A 168 -11.37 -4.74 -22.44
N LYS A 169 -11.57 -4.67 -23.77
CA LYS A 169 -12.89 -4.86 -24.37
C LYS A 169 -13.00 -6.27 -24.98
N ARG A 170 -11.85 -6.87 -25.32
CA ARG A 170 -11.79 -8.23 -25.87
C ARG A 170 -10.77 -9.07 -25.09
N SER A 171 -11.18 -10.29 -24.73
CA SER A 171 -10.32 -11.26 -24.05
C SER A 171 -9.33 -11.86 -25.05
N MET A 172 -8.26 -12.47 -24.52
CA MET A 172 -7.22 -13.10 -25.32
C MET A 172 -6.96 -14.52 -24.80
N ILE A 173 -6.90 -15.49 -25.72
CA ILE A 173 -6.50 -16.86 -25.42
C ILE A 173 -4.96 -16.88 -25.36
N VAL A 174 -4.41 -17.26 -24.20
CA VAL A 174 -2.98 -17.17 -23.96
C VAL A 174 -2.50 -18.43 -23.23
N ASP A 175 -1.35 -18.94 -23.67
CA ASP A 175 -0.54 -19.88 -22.92
C ASP A 175 0.23 -19.07 -21.86
N LEU A 176 -0.10 -19.29 -20.58
CA LEU A 176 0.40 -18.46 -19.48
C LEU A 176 1.89 -18.70 -19.25
N ASP A 177 2.40 -19.86 -19.67
CA ASP A 177 3.82 -20.21 -19.53
C ASP A 177 4.68 -19.43 -20.53
N GLU A 178 4.05 -18.92 -21.60
CA GLU A 178 4.74 -18.09 -22.60
C GLU A 178 5.00 -16.68 -22.05
N THR A 179 4.22 -16.27 -21.02
CA THR A 179 4.33 -14.94 -20.42
C THR A 179 5.32 -14.96 -19.24
N ASP A 180 5.83 -16.14 -18.88
CA ASP A 180 6.80 -16.29 -17.80
C ASP A 180 8.14 -15.66 -18.22
N PRO A 181 8.68 -14.68 -17.46
CA PRO A 181 10.00 -14.14 -17.74
C PRO A 181 11.12 -15.12 -17.37
N GLU A 182 12.36 -14.79 -17.75
CA GLU A 182 13.53 -15.64 -17.51
C GLU A 182 13.70 -15.90 -16.01
N GLY A 183 13.70 -17.18 -15.63
CA GLY A 183 13.93 -17.62 -14.25
C GLY A 183 12.74 -17.39 -13.35
N TRP A 184 11.54 -17.36 -13.94
CA TRP A 184 10.28 -17.15 -13.21
C TRP A 184 9.96 -18.37 -12.34
N SER A 185 10.36 -19.56 -12.81
CA SER A 185 10.16 -20.82 -12.10
C SER A 185 11.05 -20.88 -10.84
N ASN A 186 12.08 -20.03 -10.78
CA ASN A 186 12.99 -19.92 -9.64
C ASN A 186 12.62 -18.73 -8.73
N ASP A 187 11.55 -18.00 -9.09
CA ASP A 187 11.09 -16.86 -8.30
C ASP A 187 10.12 -17.37 -7.23
N SER A 188 10.50 -17.15 -5.96
CA SER A 188 9.69 -17.52 -4.80
C SER A 188 8.99 -16.28 -4.24
N HIS A 189 7.96 -16.52 -3.42
CA HIS A 189 7.33 -15.48 -2.62
C HIS A 189 8.37 -14.89 -1.66
N VAL A 190 8.28 -13.59 -1.41
CA VAL A 190 9.01 -12.94 -0.31
C VAL A 190 8.00 -12.64 0.79
N LEU A 191 8.08 -13.43 1.87
CA LEU A 191 7.11 -13.42 2.97
C LEU A 191 7.85 -13.12 4.28
N LEU A 192 7.19 -12.34 5.14
CA LEU A 192 7.69 -12.06 6.49
C LEU A 192 7.10 -13.08 7.46
N ASP A 193 7.93 -13.52 8.42
CA ASP A 193 7.49 -14.41 9.50
C ASP A 193 6.31 -13.77 10.24
N LYS A 194 6.43 -12.45 10.50
CA LYS A 194 5.41 -11.67 11.17
C LYS A 194 5.10 -10.43 10.32
N SER A 195 3.80 -10.21 10.05
CA SER A 195 3.34 -9.03 9.32
C SER A 195 3.78 -7.75 10.04
N THR A 196 3.86 -7.83 11.37
CA THR A 196 4.19 -6.70 12.25
C THR A 196 5.69 -6.35 12.17
N LYS A 197 6.48 -7.12 11.42
CA LYS A 197 7.89 -6.81 11.14
C LYS A 197 8.02 -6.00 9.84
N SER A 198 6.89 -5.70 9.18
CA SER A 198 6.88 -5.08 7.86
C SER A 198 7.22 -3.59 7.96
N SER A 199 7.72 -3.04 6.84
CA SER A 199 7.73 -1.61 6.56
C SER A 199 7.20 -1.40 5.14
N VAL A 200 5.94 -0.97 5.04
CA VAL A 200 5.23 -0.88 3.76
C VAL A 200 5.55 0.47 3.12
N TRP A 201 5.86 0.44 1.82
CA TRP A 201 6.10 1.60 0.98
C TRP A 201 4.99 1.67 -0.07
N GLU A 202 3.97 2.51 0.18
CA GLU A 202 2.78 2.57 -0.68
C GLU A 202 3.11 3.39 -1.93
N LEU A 203 3.19 2.69 -3.07
CA LEU A 203 3.78 3.22 -4.30
C LEU A 203 2.82 3.06 -5.48
N HIS A 204 2.76 4.11 -6.31
CA HIS A 204 2.08 4.11 -7.61
C HIS A 204 3.13 3.87 -8.68
N ILE A 205 2.83 2.98 -9.64
CA ILE A 205 3.81 2.47 -10.61
C ILE A 205 4.34 3.63 -11.46
N LYS A 206 3.44 4.54 -11.87
CA LYS A 206 3.84 5.72 -12.66
C LYS A 206 4.69 6.66 -11.81
N ASP A 207 4.24 6.93 -10.58
CA ASP A 207 4.92 7.83 -9.65
C ASP A 207 6.37 7.38 -9.41
N PHE A 208 6.59 6.07 -9.45
CA PHE A 208 7.88 5.45 -9.14
C PHE A 208 9.01 6.06 -9.98
N SER A 209 8.80 6.23 -11.29
CA SER A 209 9.90 6.51 -12.22
C SER A 209 9.54 7.52 -13.33
N TYR A 210 8.39 8.19 -13.24
CA TYR A 210 7.95 9.09 -14.32
C TYR A 210 8.88 10.30 -14.43
N ASP A 211 9.44 10.72 -13.30
CA ASP A 211 10.43 11.81 -13.25
C ASP A 211 11.67 11.38 -14.05
N LYS A 212 12.21 12.31 -14.86
CA LYS A 212 13.38 12.03 -15.70
C LYS A 212 14.64 11.95 -14.82
N ALA A 213 14.59 12.60 -13.65
CA ALA A 213 15.69 12.60 -12.68
C ALA A 213 15.78 11.25 -11.96
N SER A 214 14.79 10.38 -12.15
CA SER A 214 14.82 8.99 -11.66
C SER A 214 16.05 8.26 -12.22
N GLY A 215 16.48 8.64 -13.43
CA GLY A 215 17.61 8.03 -14.12
C GLY A 215 17.22 6.73 -14.81
N VAL A 216 15.91 6.52 -14.96
CA VAL A 216 15.34 5.36 -15.64
C VAL A 216 15.24 5.68 -17.13
N SER A 217 15.47 4.67 -17.98
CA SER A 217 15.51 4.82 -19.43
C SER A 217 14.18 5.38 -19.94
N ASP A 218 14.23 6.05 -21.10
CA ASP A 218 13.10 6.76 -21.69
C ASP A 218 11.91 5.80 -21.89
N ALA A 219 12.20 4.55 -22.29
CA ALA A 219 11.19 3.55 -22.61
C ALA A 219 10.39 3.14 -21.37
N ASN A 220 11.07 3.05 -20.21
CA ASN A 220 10.55 2.35 -19.04
C ASN A 220 10.04 3.33 -17.96
N ARG A 221 10.21 4.65 -18.16
CA ARG A 221 9.79 5.62 -17.16
C ARG A 221 8.26 5.56 -16.99
N GLY A 222 7.82 5.27 -15.76
CA GLY A 222 6.42 5.18 -15.40
C GLY A 222 5.79 3.86 -15.83
N LYS A 223 6.63 2.84 -16.05
CA LYS A 223 6.20 1.54 -16.56
C LYS A 223 6.61 0.44 -15.57
N TYR A 224 6.12 -0.78 -15.84
CA TYR A 224 6.42 -1.98 -15.05
C TYR A 224 7.93 -2.26 -15.03
N LEU A 225 8.59 -2.09 -16.19
CA LEU A 225 9.98 -2.52 -16.40
C LEU A 225 10.98 -1.59 -15.70
N ALA A 226 10.49 -0.46 -15.16
CA ALA A 226 11.32 0.48 -14.38
C ALA A 226 11.99 -0.24 -13.20
N PHE A 227 11.29 -1.23 -12.62
CA PHE A 227 11.74 -1.95 -11.42
C PHE A 227 12.93 -2.86 -11.74
N THR A 228 13.10 -3.23 -13.00
CA THR A 228 14.14 -4.16 -13.45
C THR A 228 15.49 -3.46 -13.63
N GLU A 229 15.49 -2.12 -13.64
CA GLU A 229 16.69 -1.33 -13.90
C GLU A 229 17.48 -1.15 -12.59
N ASN A 230 18.60 -1.88 -12.49
CA ASN A 230 19.57 -1.72 -11.42
C ASN A 230 20.57 -0.62 -11.81
N GLY A 231 21.11 0.06 -10.79
CA GLY A 231 22.19 1.03 -10.95
C GLY A 231 21.71 2.39 -11.41
N THR A 232 20.42 2.69 -11.19
CA THR A 232 19.85 3.99 -11.52
C THR A 232 20.30 5.01 -10.46
N THR A 233 20.62 6.22 -10.92
CA THR A 233 21.07 7.30 -10.05
C THR A 233 20.36 8.61 -10.44
N LEU A 234 20.42 9.59 -9.54
CA LEU A 234 19.75 10.88 -9.73
C LEU A 234 20.33 11.58 -10.96
N ASN A 235 19.47 11.82 -11.95
CA ASN A 235 19.81 12.41 -13.26
C ASN A 235 20.86 11.53 -13.98
N GLY A 236 20.87 10.23 -13.64
CA GLY A 236 21.86 9.26 -14.15
C GLY A 236 23.28 9.79 -14.10
N GLU A 237 23.63 10.45 -12.98
CA GLU A 237 24.94 11.08 -12.80
C GLU A 237 25.88 10.15 -12.01
N GLY A 238 25.34 9.05 -11.48
CA GLY A 238 26.14 7.97 -10.88
C GLY A 238 26.67 8.32 -9.50
N LYS A 239 25.92 9.14 -8.74
CA LYS A 239 26.39 9.67 -7.46
C LYS A 239 25.51 9.19 -6.31
N VAL A 240 24.18 9.26 -6.47
CA VAL A 240 23.23 8.81 -5.45
C VAL A 240 22.15 7.95 -6.10
N SER A 241 21.79 6.84 -5.43
CA SER A 241 20.89 5.82 -5.96
C SER A 241 19.45 6.32 -5.96
N THR A 242 18.67 5.82 -6.93
CA THR A 242 17.23 6.06 -7.05
C THR A 242 16.51 4.73 -7.27
N CYS A 243 15.18 4.78 -7.25
CA CYS A 243 14.28 3.67 -7.60
C CYS A 243 14.64 2.41 -6.79
N ILE A 244 14.86 1.27 -7.46
CA ILE A 244 14.96 -0.04 -6.79
C ILE A 244 16.17 -0.04 -5.84
N ASP A 245 17.28 0.55 -6.29
CA ASP A 245 18.54 0.60 -5.52
C ASP A 245 18.34 1.47 -4.26
N TYR A 246 17.50 2.49 -4.38
CA TYR A 246 17.16 3.37 -3.26
C TYR A 246 16.40 2.57 -2.18
N LEU A 247 15.51 1.68 -2.63
CA LEU A 247 14.67 0.87 -1.73
C LEU A 247 15.51 -0.16 -0.98
N LYS A 248 16.47 -0.79 -1.68
CA LYS A 248 17.41 -1.72 -1.08
C LYS A 248 18.15 -1.04 0.09
N GLU A 249 18.56 0.21 -0.14
CA GLU A 249 19.36 0.99 0.80
C GLU A 249 18.48 1.49 1.96
N LEU A 250 17.25 1.91 1.66
CA LEU A 250 16.30 2.41 2.66
C LEU A 250 15.91 1.27 3.61
N GLY A 251 15.75 0.05 3.04
CA GLY A 251 15.55 -1.18 3.80
C GLY A 251 14.09 -1.49 4.06
N VAL A 252 13.21 -1.07 3.14
CA VAL A 252 11.78 -1.37 3.22
C VAL A 252 11.59 -2.88 2.96
N THR A 253 10.71 -3.51 3.74
CA THR A 253 10.42 -4.94 3.60
C THR A 253 9.42 -5.15 2.45
N THR A 254 8.52 -4.18 2.27
CA THR A 254 7.31 -4.37 1.47
C THR A 254 7.03 -3.12 0.62
N VAL A 255 6.67 -3.35 -0.65
CA VAL A 255 6.12 -2.35 -1.54
C VAL A 255 4.66 -2.72 -1.83
N GLN A 256 3.73 -1.86 -1.41
CA GLN A 256 2.33 -1.97 -1.78
C GLN A 256 2.09 -1.14 -3.05
N LEU A 257 1.56 -1.79 -4.09
CA LEU A 257 1.37 -1.17 -5.38
C LEU A 257 -0.10 -0.75 -5.56
N ASN A 258 -0.30 0.52 -5.91
CA ASN A 258 -1.60 1.06 -6.30
C ASN A 258 -2.10 0.30 -7.51
N PRO A 259 -3.43 0.23 -7.74
CA PRO A 259 -4.03 -0.64 -8.76
C PRO A 259 -3.18 -0.96 -9.99
N PHE A 260 -2.78 -2.24 -10.13
CA PHE A 260 -2.17 -2.75 -11.37
C PHE A 260 -3.03 -3.89 -11.95
N TYR A 261 -4.27 -4.03 -11.45
CA TYR A 261 -5.36 -4.68 -12.19
C TYR A 261 -5.83 -3.69 -13.27
N ASP A 262 -6.56 -4.17 -14.28
CA ASP A 262 -6.97 -3.34 -15.41
C ASP A 262 -8.13 -2.42 -14.97
N PHE A 263 -7.95 -1.11 -15.19
CA PHE A 263 -8.95 -0.09 -14.86
C PHE A 263 -9.25 0.75 -16.11
N GLN A 264 -10.30 1.57 -16.02
CA GLN A 264 -10.91 2.27 -17.16
C GLN A 264 -10.25 3.62 -17.41
N SER A 265 -9.80 4.28 -16.34
CA SER A 265 -9.63 5.74 -16.29
C SER A 265 -8.38 6.24 -17.04
N VAL A 266 -7.59 5.34 -17.64
CA VAL A 266 -6.51 5.73 -18.55
C VAL A 266 -6.76 5.10 -19.92
N ASN A 267 -6.79 5.95 -20.96
CA ASN A 267 -6.84 5.51 -22.35
C ASN A 267 -5.47 4.96 -22.72
N GLU A 268 -5.42 3.64 -23.00
CA GLU A 268 -4.17 2.90 -23.20
C GLU A 268 -3.57 3.20 -24.58
N ALA A 269 -4.39 3.75 -25.49
CA ALA A 269 -3.95 4.17 -26.83
C ALA A 269 -3.52 5.64 -26.83
N GLY A 270 -3.85 6.36 -25.76
CA GLY A 270 -3.71 7.82 -25.69
C GLY A 270 -2.32 8.27 -25.24
N ASP A 271 -2.25 9.52 -24.75
CA ASP A 271 -1.01 10.20 -24.42
C ASP A 271 -0.42 9.62 -23.13
N ASP A 272 0.91 9.78 -22.98
CA ASP A 272 1.70 9.20 -21.90
C ASP A 272 1.55 10.04 -20.62
N SER A 273 1.05 11.27 -20.73
CA SER A 273 0.93 12.20 -19.61
C SER A 273 -0.34 11.95 -18.79
N GLN A 274 -1.18 11.00 -19.25
CA GLN A 274 -2.37 10.57 -18.50
C GLN A 274 -1.96 9.98 -17.15
N PHE A 275 -2.74 10.29 -16.11
CA PHE A 275 -2.53 9.75 -14.77
C PHE A 275 -3.88 9.37 -14.14
N ASN A 276 -3.89 8.22 -13.45
CA ASN A 276 -4.96 7.86 -12.53
C ASN A 276 -4.45 6.78 -11.56
N TRP A 277 -4.89 6.88 -10.30
CA TRP A 277 -4.63 5.85 -9.29
C TRP A 277 -5.16 4.50 -9.78
N GLY A 278 -6.35 4.55 -10.40
CA GLY A 278 -6.95 3.41 -11.08
C GLY A 278 -7.87 2.60 -10.16
N TYR A 279 -8.64 3.30 -9.33
CA TYR A 279 -9.67 2.68 -8.47
C TYR A 279 -10.98 2.59 -9.26
N ASP A 280 -10.89 2.06 -10.48
CA ASP A 280 -11.95 2.05 -11.48
C ASP A 280 -11.92 0.72 -12.23
N PRO A 281 -12.16 -0.43 -11.54
CA PRO A 281 -11.91 -1.75 -12.12
C PRO A 281 -12.75 -2.09 -13.36
N VAL A 282 -12.15 -2.90 -14.25
CA VAL A 282 -12.77 -3.37 -15.49
C VAL A 282 -12.56 -4.89 -15.59
N ASN A 283 -11.28 -5.31 -15.54
CA ASN A 283 -10.88 -6.70 -15.54
C ASN A 283 -10.01 -6.96 -14.30
N TYR A 284 -10.50 -7.80 -13.38
CA TYR A 284 -9.90 -7.99 -12.07
C TYR A 284 -8.63 -8.84 -12.15
N ASN A 285 -8.61 -9.83 -13.06
CA ASN A 285 -7.52 -10.81 -13.16
C ASN A 285 -6.68 -10.53 -14.42
N VAL A 286 -6.55 -9.25 -14.77
CA VAL A 286 -5.76 -8.80 -15.92
C VAL A 286 -4.93 -7.60 -15.48
N PRO A 287 -3.61 -7.56 -15.78
CA PRO A 287 -2.79 -6.37 -15.52
C PRO A 287 -3.28 -5.12 -16.28
N GLU A 288 -2.95 -3.94 -15.74
CA GLU A 288 -3.22 -2.67 -16.40
C GLU A 288 -2.31 -2.56 -17.64
N GLY A 289 -2.88 -2.02 -18.73
CA GLY A 289 -2.20 -1.90 -20.01
C GLY A 289 -1.30 -0.67 -20.11
N SER A 290 -1.72 0.42 -19.46
CA SER A 290 -1.02 1.72 -19.52
C SER A 290 0.42 1.60 -19.01
N TYR A 291 0.65 0.74 -18.02
CA TYR A 291 1.97 0.57 -17.40
C TYR A 291 2.86 -0.39 -18.21
N SER A 292 2.31 -0.97 -19.28
CA SER A 292 3.06 -1.85 -20.19
C SER A 292 3.60 -1.03 -21.37
N SER A 293 4.53 -1.64 -22.12
CA SER A 293 5.13 -1.03 -23.32
C SER A 293 4.23 -1.22 -24.54
N ASN A 294 3.35 -2.23 -24.48
CA ASN A 294 2.44 -2.56 -25.59
C ASN A 294 1.15 -3.15 -25.00
N PRO A 295 0.05 -2.36 -24.93
CA PRO A 295 -1.23 -2.89 -24.46
C PRO A 295 -2.06 -3.63 -25.53
N TYR A 296 -1.65 -3.51 -26.79
CA TYR A 296 -2.38 -4.10 -27.92
C TYR A 296 -2.18 -5.62 -27.93
N ASP A 297 -0.94 -6.06 -27.71
CA ASP A 297 -0.60 -7.47 -27.48
C ASP A 297 -0.80 -7.75 -25.99
N GLY A 298 -1.79 -8.61 -25.68
CA GLY A 298 -2.23 -8.86 -24.32
C GLY A 298 -1.21 -9.60 -23.47
N LYS A 299 -0.27 -10.30 -24.12
CA LYS A 299 0.77 -11.08 -23.45
C LYS A 299 1.84 -10.15 -22.85
N VAL A 300 2.09 -9.00 -23.50
CA VAL A 300 3.22 -8.13 -23.17
C VAL A 300 3.09 -7.60 -21.74
N ARG A 301 1.87 -7.17 -21.36
CA ARG A 301 1.64 -6.58 -20.04
C ARG A 301 1.82 -7.64 -18.94
N ILE A 302 1.48 -8.90 -19.26
CA ILE A 302 1.57 -10.00 -18.31
C ILE A 302 3.05 -10.28 -17.99
N LYS A 303 3.87 -10.34 -19.04
CA LYS A 303 5.30 -10.60 -18.92
C LYS A 303 5.96 -9.51 -18.07
N GLU A 304 5.69 -8.25 -18.43
CA GLU A 304 6.34 -7.08 -17.83
C GLU A 304 5.87 -6.89 -16.39
N CYS A 305 4.62 -7.27 -16.10
CA CYS A 305 4.07 -7.23 -14.74
C CYS A 305 4.80 -8.24 -13.84
N LYS A 306 5.13 -9.41 -14.39
CA LYS A 306 5.85 -10.45 -13.67
C LYS A 306 7.31 -10.02 -13.45
N GLU A 307 7.90 -9.33 -14.44
CA GLU A 307 9.30 -8.86 -14.36
C GLU A 307 9.43 -7.81 -13.26
N MET A 308 8.38 -6.99 -13.06
CA MET A 308 8.33 -6.03 -11.96
C MET A 308 8.40 -6.76 -10.62
N ILE A 309 7.57 -7.81 -10.47
CA ILE A 309 7.42 -8.53 -9.22
C ILE A 309 8.69 -9.36 -8.95
N LYS A 310 9.26 -9.95 -10.01
CA LYS A 310 10.51 -10.71 -9.91
C LYS A 310 11.65 -9.79 -9.46
N ALA A 311 11.68 -8.57 -10.00
CA ALA A 311 12.70 -7.56 -9.66
C ALA A 311 12.64 -7.22 -8.17
N LEU A 312 11.42 -6.96 -7.68
CA LEU A 312 11.18 -6.62 -6.27
C LEU A 312 11.57 -7.82 -5.37
N HIS A 313 11.26 -9.04 -5.83
CA HIS A 313 11.60 -10.27 -5.12
C HIS A 313 13.13 -10.47 -5.06
N ASP A 314 13.81 -10.18 -6.18
CA ASP A 314 15.27 -10.33 -6.30
C ASP A 314 15.97 -9.27 -5.42
N ALA A 315 15.27 -8.17 -5.14
CA ALA A 315 15.74 -7.11 -4.24
C ALA A 315 15.44 -7.46 -2.78
N GLY A 316 14.70 -8.55 -2.55
CA GLY A 316 14.35 -9.04 -1.22
C GLY A 316 13.18 -8.29 -0.62
N ILE A 317 12.24 -7.88 -1.48
CA ILE A 317 11.10 -7.05 -1.09
C ILE A 317 9.81 -7.81 -1.37
N SER A 318 8.87 -7.75 -0.41
CA SER A 318 7.54 -8.35 -0.52
C SER A 318 6.62 -7.41 -1.33
N VAL A 319 5.73 -8.02 -2.11
CA VAL A 319 4.84 -7.28 -3.01
C VAL A 319 3.38 -7.48 -2.55
N VAL A 320 2.74 -6.36 -2.17
CA VAL A 320 1.33 -6.33 -1.78
C VAL A 320 0.54 -5.62 -2.89
N MET A 321 -0.61 -6.20 -3.24
CA MET A 321 -1.44 -5.72 -4.34
C MET A 321 -2.70 -5.04 -3.78
N ASP A 322 -2.92 -3.79 -4.20
CA ASP A 322 -4.14 -3.04 -3.88
C ASP A 322 -5.27 -3.59 -4.75
N VAL A 323 -6.32 -4.12 -4.10
CA VAL A 323 -7.44 -4.77 -4.79
C VAL A 323 -8.75 -4.06 -4.40
N VAL A 324 -9.68 -4.01 -5.36
CA VAL A 324 -10.87 -3.16 -5.29
C VAL A 324 -12.08 -3.97 -5.79
N TYR A 325 -12.37 -5.07 -5.07
CA TYR A 325 -13.50 -5.95 -5.38
C TYR A 325 -14.82 -5.32 -4.89
N ASN A 326 -14.73 -4.22 -4.13
CA ASN A 326 -15.87 -3.59 -3.49
C ASN A 326 -16.79 -2.94 -4.52
N HIS A 327 -16.25 -2.57 -5.70
CA HIS A 327 -17.04 -1.95 -6.77
C HIS A 327 -16.32 -2.08 -8.13
N THR A 328 -17.09 -1.90 -9.20
CA THR A 328 -16.56 -1.74 -10.57
C THR A 328 -16.83 -0.30 -11.02
N TYR A 329 -16.11 0.14 -12.06
CA TYR A 329 -16.19 1.51 -12.57
C TYR A 329 -17.64 1.86 -12.93
N SER A 330 -18.28 0.98 -13.70
CA SER A 330 -19.68 1.13 -14.09
C SER A 330 -20.40 -0.22 -13.99
N THR A 331 -21.73 -0.16 -13.96
CA THR A 331 -22.58 -1.35 -13.98
C THR A 331 -22.68 -1.91 -15.40
N ASP A 332 -22.22 -1.14 -16.39
CA ASP A 332 -21.95 -1.65 -17.74
C ASP A 332 -20.62 -2.41 -17.70
N SER A 333 -20.65 -3.58 -17.07
CA SER A 333 -19.47 -4.41 -16.80
C SER A 333 -19.69 -5.82 -17.36
N CYS A 334 -18.63 -6.64 -17.30
CA CYS A 334 -18.68 -8.03 -17.76
C CYS A 334 -19.58 -8.87 -16.84
N PHE A 335 -19.67 -8.46 -15.56
CA PHE A 335 -20.52 -9.12 -14.57
C PHE A 335 -22.00 -8.92 -14.92
N GLN A 336 -22.40 -7.66 -15.13
CA GLN A 336 -23.79 -7.28 -15.39
C GLN A 336 -24.21 -7.81 -16.76
N TYR A 337 -23.31 -7.73 -17.75
CA TYR A 337 -23.59 -8.15 -19.13
C TYR A 337 -23.74 -9.68 -19.21
N THR A 338 -23.20 -10.39 -18.21
CA THR A 338 -23.28 -11.85 -18.14
C THR A 338 -24.50 -12.26 -17.29
N VAL A 339 -24.59 -11.74 -16.06
CA VAL A 339 -25.66 -12.08 -15.11
C VAL A 339 -26.19 -10.78 -14.48
N PRO A 340 -27.16 -10.08 -15.11
CA PRO A 340 -27.63 -8.78 -14.62
C PRO A 340 -28.29 -8.83 -13.24
N ASN A 341 -27.77 -8.00 -12.31
CA ASN A 341 -28.36 -7.69 -10.99
C ASN A 341 -28.01 -8.78 -9.97
N TYR A 342 -27.08 -9.67 -10.32
CA TYR A 342 -26.62 -10.73 -9.41
C TYR A 342 -25.39 -10.25 -8.63
N TYR A 343 -24.39 -9.73 -9.34
CA TYR A 343 -23.05 -9.48 -8.78
C TYR A 343 -23.02 -8.20 -7.94
N TYR A 344 -24.04 -7.35 -8.07
CA TYR A 344 -24.12 -6.08 -7.32
C TYR A 344 -25.26 -6.14 -6.31
N ARG A 345 -25.08 -5.43 -5.19
CA ARG A 345 -26.09 -5.30 -4.14
C ARG A 345 -27.16 -4.32 -4.62
N MET A 346 -28.42 -4.78 -4.62
CA MET A 346 -29.55 -4.04 -5.15
C MET A 346 -30.44 -3.56 -4.00
N LYS A 347 -30.89 -2.29 -4.11
CA LYS A 347 -31.89 -1.73 -3.21
C LYS A 347 -33.28 -2.20 -3.66
N THR A 348 -34.28 -2.03 -2.79
CA THR A 348 -35.66 -2.44 -3.05
C THR A 348 -36.22 -1.73 -4.29
N THR A 349 -35.79 -0.47 -4.48
CA THR A 349 -36.31 0.42 -5.52
C THR A 349 -35.68 0.13 -6.89
N GLY A 350 -34.74 -0.81 -6.95
CA GLY A 350 -34.10 -1.22 -8.21
C GLY A 350 -32.80 -0.48 -8.48
N ALA A 351 -32.54 0.57 -7.68
CA ALA A 351 -31.31 1.33 -7.75
C ALA A 351 -30.16 0.48 -7.17
N PHE A 352 -28.96 0.65 -7.73
CA PHE A 352 -27.76 0.02 -7.23
C PHE A 352 -27.37 0.69 -5.91
N SER A 353 -27.05 -0.12 -4.90
CA SER A 353 -26.54 0.37 -3.62
C SER A 353 -25.18 1.06 -3.86
N ASP A 354 -25.03 2.26 -3.29
CA ASP A 354 -23.86 3.11 -3.54
C ASP A 354 -23.06 3.27 -2.25
N GLY A 355 -22.58 2.13 -1.72
CA GLY A 355 -21.77 2.09 -0.51
C GLY A 355 -20.33 2.53 -0.75
N SER A 356 -19.87 2.40 -2.00
CA SER A 356 -18.52 2.78 -2.40
C SER A 356 -18.43 4.30 -2.63
N GLY A 357 -19.56 4.91 -3.00
CA GLY A 357 -19.61 6.29 -3.46
C GLY A 357 -19.21 6.42 -4.92
N CYS A 358 -19.08 5.28 -5.61
CA CYS A 358 -18.63 5.21 -6.99
C CYS A 358 -19.71 4.59 -7.89
N GLY A 359 -20.92 4.38 -7.34
CA GLY A 359 -22.11 4.09 -8.13
C GLY A 359 -22.66 2.68 -7.91
N ASN A 360 -21.86 1.80 -7.31
CA ASN A 360 -22.24 0.39 -7.11
C ASN A 360 -21.40 -0.22 -5.99
N GLU A 361 -21.72 -1.45 -5.62
CA GLU A 361 -20.90 -2.25 -4.71
C GLU A 361 -21.10 -3.74 -5.00
N GLY A 362 -20.00 -4.50 -4.93
CA GLY A 362 -19.97 -5.93 -5.21
C GLY A 362 -20.60 -6.73 -4.09
N ALA A 363 -21.52 -7.62 -4.45
CA ALA A 363 -22.24 -8.46 -3.50
C ALA A 363 -21.37 -9.66 -3.13
N THR A 364 -20.45 -9.46 -2.17
CA THR A 364 -19.51 -10.49 -1.71
C THR A 364 -20.26 -11.66 -1.06
N GLU A 365 -21.47 -11.38 -0.53
CA GLU A 365 -22.28 -12.38 0.16
C GLU A 365 -22.85 -13.41 -0.84
N ARG A 366 -22.85 -13.08 -2.14
CA ARG A 366 -23.32 -14.00 -3.19
C ARG A 366 -22.27 -15.10 -3.41
N ALA A 367 -22.74 -16.30 -3.70
CA ALA A 367 -21.92 -17.52 -3.78
C ALA A 367 -20.84 -17.37 -4.85
N MET A 368 -21.22 -16.84 -6.02
CA MET A 368 -20.35 -16.84 -7.19
C MET A 368 -19.47 -15.58 -7.25
N TYR A 369 -19.79 -14.56 -6.44
CA TYR A 369 -18.88 -13.41 -6.31
C TYR A 369 -17.86 -13.69 -5.20
N ARG A 370 -18.32 -14.30 -4.10
CA ARG A 370 -17.43 -14.79 -3.04
C ARG A 370 -16.33 -15.65 -3.67
N GLN A 371 -16.75 -16.64 -4.48
CA GLN A 371 -15.85 -17.58 -5.13
C GLN A 371 -14.92 -16.83 -6.09
N TYR A 372 -15.46 -15.86 -6.82
CA TYR A 372 -14.69 -15.06 -7.79
C TYR A 372 -13.54 -14.35 -7.07
N VAL A 373 -13.86 -13.66 -5.96
CA VAL A 373 -12.90 -12.88 -5.19
C VAL A 373 -11.80 -13.80 -4.65
N ILE A 374 -12.21 -14.92 -4.03
CA ILE A 374 -11.27 -15.88 -3.41
C ILE A 374 -10.37 -16.48 -4.51
N ASP A 375 -10.98 -16.87 -5.63
CA ASP A 375 -10.25 -17.46 -6.77
C ASP A 375 -9.29 -16.41 -7.37
N SER A 376 -9.74 -15.14 -7.42
CA SER A 376 -8.94 -14.03 -7.91
C SER A 376 -7.67 -13.88 -7.06
N LEU A 377 -7.85 -13.84 -5.74
CA LEU A 377 -6.74 -13.70 -4.79
C LEU A 377 -5.72 -14.82 -5.02
N LYS A 378 -6.21 -16.06 -5.11
CA LYS A 378 -5.37 -17.25 -5.31
C LYS A 378 -4.61 -17.14 -6.64
N TYR A 379 -5.28 -16.64 -7.68
CA TYR A 379 -4.70 -16.49 -9.01
C TYR A 379 -3.47 -15.57 -8.94
N TRP A 380 -3.65 -14.39 -8.36
CA TRP A 380 -2.59 -13.37 -8.29
C TRP A 380 -1.40 -13.87 -7.45
N VAL A 381 -1.69 -14.65 -6.41
CA VAL A 381 -0.66 -15.24 -5.54
C VAL A 381 0.09 -16.33 -6.32
N ASN A 382 -0.66 -17.21 -7.00
CA ASN A 382 -0.08 -18.40 -7.63
C ASN A 382 0.58 -18.05 -8.97
N GLU A 383 -0.09 -17.21 -9.77
CA GLU A 383 0.33 -16.91 -11.15
C GLU A 383 1.38 -15.78 -11.16
N TYR A 384 1.13 -14.71 -10.40
CA TYR A 384 1.96 -13.49 -10.42
C TYR A 384 2.88 -13.40 -9.19
N HIS A 385 2.80 -14.40 -8.29
CA HIS A 385 3.64 -14.49 -7.09
C HIS A 385 3.43 -13.25 -6.19
N VAL A 386 2.18 -12.79 -6.07
CA VAL A 386 1.81 -11.72 -5.15
C VAL A 386 1.86 -12.27 -3.72
N ASP A 387 2.36 -11.45 -2.79
CA ASP A 387 2.67 -11.89 -1.42
C ASP A 387 1.61 -11.42 -0.41
N GLY A 388 0.74 -10.48 -0.82
CA GLY A 388 -0.31 -9.98 0.06
C GLY A 388 -1.28 -9.06 -0.66
N PHE A 389 -2.25 -8.52 0.09
CA PHE A 389 -3.34 -7.73 -0.48
C PHE A 389 -3.72 -6.57 0.47
N ARG A 390 -3.98 -5.41 -0.13
CA ARG A 390 -4.62 -4.27 0.52
C ARG A 390 -6.03 -4.12 -0.07
N PHE A 391 -7.05 -4.44 0.74
CA PHE A 391 -8.45 -4.44 0.30
C PHE A 391 -9.04 -3.02 0.42
N ALA A 392 -9.38 -2.44 -0.72
CA ALA A 392 -10.07 -1.16 -0.79
C ALA A 392 -11.50 -1.32 -0.26
N LEU A 393 -11.91 -0.40 0.63
CA LEU A 393 -13.21 -0.41 1.30
C LEU A 393 -13.57 -1.84 1.70
N MET A 394 -12.75 -2.42 2.59
CA MET A 394 -12.98 -3.74 3.16
C MET A 394 -14.30 -3.74 3.95
N GLY A 395 -14.72 -2.56 4.41
CA GLY A 395 -15.98 -2.36 5.14
C GLY A 395 -17.22 -2.65 4.31
N LEU A 396 -17.07 -2.72 2.98
CA LEU A 396 -18.17 -3.07 2.07
C LEU A 396 -18.19 -4.58 1.80
N MET A 397 -17.18 -5.30 2.31
CA MET A 397 -17.04 -6.74 2.12
C MET A 397 -17.41 -7.46 3.43
N ASP A 398 -18.21 -8.52 3.31
CA ASP A 398 -18.79 -9.22 4.46
C ASP A 398 -17.69 -10.03 5.16
N VAL A 399 -17.80 -10.14 6.49
CA VAL A 399 -16.77 -10.70 7.37
C VAL A 399 -16.50 -12.17 6.99
N GLU A 400 -17.56 -12.92 6.70
CA GLU A 400 -17.47 -14.36 6.42
C GLU A 400 -16.57 -14.60 5.20
N THR A 401 -16.79 -13.81 4.15
CA THR A 401 -16.01 -13.88 2.91
C THR A 401 -14.53 -13.61 3.20
N MET A 402 -14.25 -12.61 4.05
CA MET A 402 -12.87 -12.19 4.34
C MET A 402 -12.14 -13.28 5.13
N ASN A 403 -12.83 -13.93 6.06
CA ASN A 403 -12.25 -15.00 6.88
C ASN A 403 -12.04 -16.25 6.01
N MET A 404 -12.97 -16.50 5.09
CA MET A 404 -12.84 -17.59 4.10
C MET A 404 -11.66 -17.32 3.17
N ALA A 405 -11.48 -16.04 2.80
CA ALA A 405 -10.35 -15.60 1.97
C ALA A 405 -9.03 -15.81 2.72
N ARG A 406 -9.03 -15.44 4.01
CA ARG A 406 -7.87 -15.62 4.89
C ARG A 406 -7.52 -17.11 4.97
N GLU A 407 -8.54 -17.95 5.16
CA GLU A 407 -8.38 -19.40 5.31
C GLU A 407 -7.81 -20.00 4.02
N ALA A 408 -8.31 -19.53 2.88
CA ALA A 408 -7.90 -20.02 1.55
C ALA A 408 -6.44 -19.66 1.27
N LEU A 409 -6.06 -18.42 1.60
CA LEU A 409 -4.69 -17.93 1.40
C LEU A 409 -3.74 -18.59 2.41
N ASP A 410 -4.26 -18.94 3.59
CA ASP A 410 -3.51 -19.67 4.61
C ASP A 410 -3.03 -21.03 4.06
N GLN A 411 -3.87 -21.66 3.21
CA GLN A 411 -3.57 -22.96 2.61
C GLN A 411 -2.31 -22.87 1.74
N ILE A 412 -2.12 -21.71 1.07
CA ILE A 412 -0.91 -21.44 0.30
C ILE A 412 0.24 -21.18 1.30
N ASP A 413 0.10 -20.09 2.07
CA ASP A 413 1.04 -19.75 3.15
C ASP A 413 0.38 -18.71 4.05
N PRO A 414 0.30 -18.96 5.38
CA PRO A 414 -0.33 -18.01 6.30
C PRO A 414 0.44 -16.69 6.50
N ARG A 415 1.67 -16.61 5.98
CA ARG A 415 2.49 -15.40 6.01
C ARG A 415 2.04 -14.41 4.93
N ILE A 416 1.21 -14.87 3.98
CA ILE A 416 0.58 -14.00 2.99
C ILE A 416 -0.26 -12.96 3.75
N THR A 417 0.13 -11.69 3.64
CA THR A 417 -0.45 -10.61 4.42
C THR A 417 -1.81 -10.19 3.83
N MET A 418 -2.69 -9.72 4.71
CA MET A 418 -3.98 -9.15 4.33
C MET A 418 -4.24 -7.93 5.25
N TRP A 419 -4.64 -6.80 4.64
CA TRP A 419 -5.14 -5.65 5.37
C TRP A 419 -6.01 -4.79 4.45
N GLY A 420 -6.81 -3.90 5.06
CA GLY A 420 -7.74 -3.07 4.29
C GLY A 420 -8.36 -1.97 5.13
N GLU A 421 -9.12 -1.09 4.46
CA GLU A 421 -9.87 -0.02 5.09
C GLU A 421 -11.10 -0.60 5.79
N GLY A 422 -11.18 -0.41 7.11
CA GLY A 422 -12.30 -0.89 7.93
C GLY A 422 -13.46 0.10 7.94
N TRP A 423 -13.86 0.55 6.74
CA TRP A 423 -14.96 1.50 6.57
C TRP A 423 -15.49 1.42 5.13
N ALA A 424 -16.61 2.12 4.90
CA ALA A 424 -17.24 2.23 3.58
C ALA A 424 -17.07 3.65 3.06
N GLY A 425 -17.70 3.95 1.91
CA GLY A 425 -17.74 5.29 1.34
C GLY A 425 -19.16 5.80 1.14
N GLY A 426 -20.10 5.25 1.92
CA GLY A 426 -21.52 5.56 1.81
C GLY A 426 -22.39 4.47 2.42
N ASP A 427 -23.72 4.62 2.27
CA ASP A 427 -24.70 3.67 2.82
C ASP A 427 -24.70 2.40 1.97
N SER A 428 -24.80 1.25 2.64
CA SER A 428 -24.78 -0.08 2.02
C SER A 428 -26.09 -0.83 2.34
N TYR A 429 -26.71 -1.40 1.31
CA TYR A 429 -27.94 -2.19 1.43
C TYR A 429 -27.66 -3.62 0.98
N HIS A 430 -27.71 -4.56 1.95
CA HIS A 430 -27.34 -5.96 1.73
C HIS A 430 -28.45 -6.88 2.24
N PRO A 431 -28.46 -8.17 1.85
CA PRO A 431 -29.41 -9.13 2.40
C PRO A 431 -29.08 -9.44 3.88
N THR A 432 -30.08 -9.94 4.61
CA THR A 432 -29.95 -10.27 6.03
C THR A 432 -28.81 -11.27 6.23
N ASN A 433 -28.83 -12.36 5.44
CA ASN A 433 -27.87 -13.45 5.56
C ASN A 433 -27.04 -13.55 4.27
N THR A 434 -25.93 -14.29 4.37
CA THR A 434 -25.06 -14.60 3.23
C THR A 434 -25.63 -15.80 2.49
N CYS A 435 -24.86 -16.32 1.51
CA CYS A 435 -25.21 -17.54 0.77
C CYS A 435 -24.96 -18.80 1.61
N SER A 436 -24.36 -18.64 2.80
CA SER A 436 -24.11 -19.73 3.74
C SER A 436 -25.26 -19.88 4.74
N GLY A 437 -26.08 -18.82 4.88
CA GLY A 437 -27.18 -18.77 5.84
C GLY A 437 -26.73 -18.23 7.19
N THR A 438 -25.57 -17.57 7.22
CA THR A 438 -25.06 -16.87 8.39
C THR A 438 -25.33 -15.37 8.23
N LYS A 439 -25.50 -14.68 9.35
CA LYS A 439 -25.85 -13.26 9.35
C LYS A 439 -24.73 -12.44 8.69
N PHE A 440 -25.14 -11.51 7.81
CA PHE A 440 -24.23 -10.60 7.13
C PHE A 440 -23.66 -9.61 8.15
N TYR A 441 -22.33 -9.48 8.16
CA TYR A 441 -21.60 -8.48 8.92
C TYR A 441 -20.59 -7.81 8.01
N PRO A 442 -20.54 -6.46 7.93
CA PRO A 442 -19.51 -5.77 7.16
C PRO A 442 -18.19 -5.76 7.94
N ALA A 443 -17.07 -5.88 7.22
CA ALA A 443 -15.75 -5.99 7.83
C ALA A 443 -15.20 -4.60 8.18
N THR A 444 -15.89 -3.93 9.10
CA THR A 444 -15.55 -2.58 9.56
C THR A 444 -14.71 -2.69 10.85
N GLN A 445 -14.21 -1.55 11.32
CA GLN A 445 -13.49 -1.43 12.59
C GLN A 445 -14.36 -1.97 13.73
N ALA A 446 -15.65 -1.63 13.69
CA ALA A 446 -16.64 -2.01 14.70
C ALA A 446 -16.74 -3.54 14.83
N ASN A 447 -16.51 -4.26 13.72
CA ASN A 447 -16.63 -5.72 13.65
C ASN A 447 -15.24 -6.37 13.56
N ALA A 448 -14.23 -5.75 14.18
CA ALA A 448 -12.85 -6.25 14.16
C ALA A 448 -12.74 -7.56 14.95
N SER A 449 -13.59 -7.72 15.98
CA SER A 449 -13.59 -8.89 16.86
C SER A 449 -14.09 -10.15 16.14
N ARG A 450 -14.88 -9.97 15.07
CA ARG A 450 -15.45 -11.08 14.30
C ARG A 450 -14.53 -11.43 13.12
N LEU A 451 -13.51 -10.61 12.89
CA LEU A 451 -12.61 -10.72 11.75
C LEU A 451 -11.29 -11.35 12.20
N SER A 452 -10.70 -12.19 11.33
CA SER A 452 -9.42 -12.83 11.59
C SER A 452 -8.38 -11.78 12.02
N ASP A 453 -7.56 -12.14 13.02
CA ASP A 453 -6.58 -11.22 13.60
C ASP A 453 -5.41 -10.99 12.64
N ARG A 454 -5.35 -11.78 11.55
CA ARG A 454 -4.35 -11.64 10.49
C ARG A 454 -4.97 -11.01 9.23
N ILE A 455 -6.12 -10.33 9.40
CA ILE A 455 -6.61 -9.34 8.43
C ILE A 455 -6.61 -7.98 9.14
N ALA A 456 -5.58 -7.17 8.87
CA ALA A 456 -5.34 -5.94 9.61
C ALA A 456 -6.23 -4.81 9.05
N ILE A 457 -6.41 -3.78 9.87
CA ILE A 457 -7.29 -2.65 9.59
C ILE A 457 -6.47 -1.36 9.77
N PHE A 458 -6.62 -0.42 8.83
CA PHE A 458 -5.93 0.87 8.88
C PHE A 458 -6.37 1.63 10.13
N ASN A 459 -5.39 2.01 10.96
CA ASN A 459 -5.62 2.69 12.23
C ASN A 459 -5.63 4.21 11.99
N ASP A 460 -6.82 4.74 11.69
CA ASP A 460 -7.01 6.18 11.51
C ASP A 460 -6.88 6.89 12.86
N GLY A 461 -6.96 6.12 13.96
CA GLY A 461 -6.73 6.61 15.32
C GLY A 461 -5.36 7.28 15.46
N ILE A 462 -4.30 6.54 15.14
CA ILE A 462 -2.92 7.03 15.27
C ILE A 462 -2.63 8.01 14.12
N ARG A 463 -3.24 7.77 12.95
CA ARG A 463 -3.08 8.64 11.78
C ARG A 463 -3.45 10.08 12.16
N ASP A 464 -4.69 10.26 12.64
CA ASP A 464 -5.23 11.56 13.00
C ASP A 464 -4.50 12.11 14.23
N GLY A 465 -4.10 11.21 15.15
CA GLY A 465 -3.40 11.57 16.37
C GLY A 465 -2.04 12.20 16.11
N ILE A 466 -1.33 11.69 15.10
CA ILE A 466 0.05 12.12 14.80
C ILE A 466 0.04 13.52 14.17
N LYS A 467 -0.72 13.71 13.08
CA LYS A 467 -0.60 14.91 12.23
C LYS A 467 -1.94 15.61 12.01
N GLY A 468 -2.99 15.20 12.74
CA GLY A 468 -4.31 15.85 12.69
C GLY A 468 -5.25 15.13 11.73
N SER A 469 -6.52 15.56 11.75
CA SER A 469 -7.57 14.96 10.94
C SER A 469 -7.16 14.95 9.46
N ALA A 470 -7.34 13.79 8.81
CA ALA A 470 -7.02 13.62 7.40
C ALA A 470 -8.05 14.34 6.52
N MET A 471 -9.24 14.60 7.08
CA MET A 471 -10.35 15.22 6.36
C MET A 471 -10.12 16.73 6.21
N ASP A 472 -9.22 17.30 7.01
CA ASP A 472 -8.89 18.73 6.99
C ASP A 472 -7.36 18.90 7.02
N ILE A 473 -6.79 19.34 5.89
CA ILE A 473 -5.33 19.45 5.70
C ILE A 473 -4.73 20.45 6.71
N SER A 474 -5.54 21.43 7.16
CA SER A 474 -5.06 22.51 8.02
C SER A 474 -5.16 22.14 9.53
N ASP A 475 -5.79 21.00 9.85
CA ASP A 475 -6.00 20.59 11.23
C ASP A 475 -4.69 20.04 11.81
N VAL A 476 -4.45 20.34 13.09
CA VAL A 476 -3.19 20.02 13.77
C VAL A 476 -3.38 18.76 14.62
N GLY A 477 -2.36 17.88 14.59
CA GLY A 477 -2.22 16.74 15.49
C GLY A 477 -1.10 16.95 16.49
N PHE A 478 -0.57 15.84 17.01
CA PHE A 478 0.38 15.88 18.13
C PHE A 478 1.67 16.60 17.73
N ILE A 479 2.19 16.30 16.53
CA ILE A 479 3.53 16.76 16.12
C ILE A 479 3.55 18.29 15.96
N GLN A 480 2.40 18.88 15.61
CA GLN A 480 2.29 20.34 15.45
C GLN A 480 2.06 21.04 16.81
N GLY A 481 1.73 20.26 17.85
CA GLY A 481 1.68 20.74 19.23
C GLY A 481 0.34 20.56 19.92
N SER A 482 -0.57 19.79 19.32
CA SER A 482 -1.89 19.51 19.92
C SER A 482 -1.73 18.51 21.08
N LYS A 483 -2.16 18.95 22.27
CA LYS A 483 -2.06 18.16 23.50
C LYS A 483 -3.18 17.11 23.54
N SER A 484 -4.36 17.49 23.04
CA SER A 484 -5.54 16.61 23.03
C SER A 484 -5.37 15.49 21.99
N SER A 485 -4.43 15.65 21.06
CA SER A 485 -4.11 14.65 20.03
C SER A 485 -3.16 13.58 20.59
N ALA A 486 -2.65 13.78 21.81
CA ALA A 486 -1.67 12.87 22.44
C ALA A 486 -2.29 11.49 22.69
N LYS A 487 -3.56 11.45 23.11
CA LYS A 487 -4.23 10.19 23.46
C LYS A 487 -4.34 9.30 22.21
N GLY A 488 -4.56 9.91 21.04
CA GLY A 488 -4.60 9.20 19.76
C GLY A 488 -3.29 8.49 19.45
N VAL A 489 -2.17 9.15 19.77
CA VAL A 489 -0.83 8.60 19.60
C VAL A 489 -0.64 7.45 20.61
N SER A 490 -0.95 7.72 21.87
CA SER A 490 -0.67 6.81 22.99
C SER A 490 -1.41 5.48 22.84
N TYR A 491 -2.64 5.53 22.31
CA TYR A 491 -3.42 4.31 22.02
C TYR A 491 -2.89 3.61 20.78
N GLY A 492 -2.38 4.41 19.82
CA GLY A 492 -1.78 3.90 18.59
C GLY A 492 -0.44 3.22 18.84
N VAL A 493 0.25 3.63 19.92
CA VAL A 493 1.54 3.07 20.34
C VAL A 493 1.42 1.54 20.50
N ARG A 494 0.26 1.08 20.99
CA ARG A 494 -0.02 -0.35 21.14
C ARG A 494 -1.10 -0.79 20.13
N ALA A 495 -1.06 -0.20 18.93
CA ALA A 495 -1.82 -0.64 17.75
C ALA A 495 -3.34 -0.66 18.01
N ASN A 496 -3.80 0.23 18.90
CA ASN A 496 -5.22 0.31 19.32
C ASN A 496 -5.73 -1.07 19.73
N SER A 497 -4.87 -1.88 20.35
CA SER A 497 -5.23 -3.23 20.82
C SER A 497 -5.28 -3.29 22.35
N SER A 498 -4.80 -2.22 23.01
CA SER A 498 -4.83 -2.07 24.46
C SER A 498 -5.82 -0.96 24.83
N GLY A 499 -6.93 -1.34 25.47
CA GLY A 499 -8.03 -0.43 25.74
C GLY A 499 -8.76 -0.06 24.45
N THR A 500 -9.76 0.82 24.57
CA THR A 500 -10.57 1.25 23.44
C THR A 500 -10.54 2.78 23.31
N TYR A 501 -10.15 3.24 22.12
CA TYR A 501 -10.28 4.64 21.71
C TYR A 501 -10.62 4.66 20.22
N LYS A 502 -11.88 4.99 19.91
CA LYS A 502 -12.45 5.02 18.55
C LYS A 502 -12.79 3.59 18.12
N TRP A 503 -11.78 2.72 18.06
CA TRP A 503 -11.95 1.31 17.72
C TRP A 503 -10.89 0.46 18.42
N LYS A 504 -11.09 -0.85 18.42
CA LYS A 504 -10.17 -1.79 19.06
C LYS A 504 -9.80 -2.91 18.08
N ALA A 505 -8.48 -3.10 17.89
CA ALA A 505 -7.93 -4.24 17.18
C ALA A 505 -7.81 -5.42 18.16
N GLN A 506 -7.94 -6.64 17.63
CA GLN A 506 -7.82 -7.86 18.43
C GLN A 506 -6.40 -7.98 18.98
N ALA A 507 -5.42 -7.58 18.17
CA ALA A 507 -4.01 -7.59 18.52
C ALA A 507 -3.24 -6.68 17.56
N PRO A 508 -1.93 -6.40 17.80
CA PRO A 508 -1.14 -5.63 16.85
C PRO A 508 -1.16 -6.15 15.40
N SER A 509 -1.31 -7.47 15.24
CA SER A 509 -1.36 -8.11 13.91
C SER A 509 -2.54 -7.61 13.09
N GLN A 510 -3.58 -7.08 13.77
CA GLN A 510 -4.81 -6.63 13.12
C GLN A 510 -4.81 -5.10 12.94
N CYS A 511 -3.62 -4.48 12.91
CA CYS A 511 -3.50 -3.02 12.90
C CYS A 511 -2.40 -2.58 11.92
N VAL A 512 -2.75 -1.64 11.03
CA VAL A 512 -1.79 -0.95 10.17
C VAL A 512 -1.53 0.44 10.75
N THR A 513 -0.30 0.64 11.24
CA THR A 513 0.15 1.89 11.84
C THR A 513 0.71 2.79 10.73
N TYR A 514 0.09 3.98 10.57
CA TYR A 514 0.47 4.94 9.53
C TYR A 514 0.03 6.35 9.93
N ASP A 515 0.69 7.35 9.34
CA ASP A 515 0.36 8.77 9.54
C ASP A 515 -0.22 9.38 8.27
N ALA A 516 0.04 8.74 7.11
CA ALA A 516 -0.49 9.19 5.82
C ALA A 516 -0.41 8.07 4.78
N CYS A 517 -1.30 8.14 3.78
CA CYS A 517 -1.30 7.24 2.62
C CYS A 517 -1.53 8.08 1.35
N HIS A 518 -1.84 7.43 0.22
CA HIS A 518 -2.05 8.11 -1.06
C HIS A 518 -3.21 9.10 -0.97
N ASP A 519 -4.25 8.73 -0.20
CA ASP A 519 -5.44 9.56 -0.03
C ASP A 519 -5.10 10.78 0.83
N ASN A 520 -5.88 11.85 0.65
CA ASN A 520 -5.78 13.08 1.44
C ASN A 520 -4.39 13.68 1.21
N ALA A 521 -3.86 14.40 2.22
CA ALA A 521 -2.59 15.10 2.11
C ALA A 521 -1.44 14.19 2.54
N THR A 522 -0.26 14.43 1.93
CA THR A 522 0.99 13.84 2.39
C THR A 522 1.29 14.40 3.78
N LEU A 523 2.07 13.64 4.56
CA LEU A 523 2.47 14.06 5.90
C LEU A 523 3.02 15.49 5.86
N TYR A 524 3.98 15.73 4.96
CA TYR A 524 4.71 16.99 4.91
C TYR A 524 3.79 18.14 4.46
N ASP A 525 2.85 17.85 3.55
CA ASP A 525 1.90 18.85 3.07
C ASP A 525 0.97 19.29 4.21
N GLN A 526 0.56 18.34 5.06
CA GLN A 526 -0.33 18.63 6.18
C GLN A 526 0.43 19.42 7.25
N ILE A 527 1.71 19.08 7.46
CA ILE A 527 2.59 19.82 8.37
C ILE A 527 2.61 21.29 7.94
N ILE A 528 2.80 21.53 6.64
CA ILE A 528 2.98 22.87 6.09
C ILE A 528 1.68 23.66 6.19
N ALA A 529 0.56 23.05 5.77
CA ALA A 529 -0.74 23.72 5.74
C ALA A 529 -1.20 24.08 7.15
N SER A 530 -0.98 23.18 8.11
CA SER A 530 -1.49 23.31 9.48
C SER A 530 -0.66 24.30 10.29
N THR A 531 0.57 24.56 9.87
CA THR A 531 1.51 25.46 10.59
C THR A 531 1.66 26.79 9.84
N GLY A 532 1.71 26.73 8.51
CA GLY A 532 1.99 27.89 7.66
C GLY A 532 3.45 28.31 7.75
N LEU A 533 4.33 27.32 8.00
CA LEU A 533 5.76 27.55 8.23
C LEU A 533 6.47 27.89 6.91
N ALA A 534 5.91 27.42 5.79
CA ALA A 534 6.47 27.65 4.46
C ALA A 534 5.41 27.36 3.39
N ASP A 535 5.82 27.40 2.11
CA ASP A 535 5.00 26.96 0.99
C ASP A 535 5.08 25.44 0.87
N TYR A 536 4.17 24.86 0.06
CA TYR A 536 4.14 23.43 -0.21
C TYR A 536 5.41 23.04 -0.99
N GLY A 537 6.11 22.01 -0.50
CA GLY A 537 7.31 21.47 -1.14
C GLY A 537 8.56 22.27 -0.78
N GLU A 538 8.44 23.23 0.14
CA GLU A 538 9.54 24.06 0.59
C GLU A 538 10.04 23.50 1.93
N ARG A 539 11.36 23.32 2.05
CA ARG A 539 11.98 22.82 3.27
C ARG A 539 11.90 23.90 4.36
N ASN A 540 11.56 23.47 5.58
CA ASN A 540 11.55 24.31 6.77
C ASN A 540 12.05 23.46 7.95
N SER A 541 12.97 24.02 8.73
CA SER A 541 13.68 23.28 9.78
C SER A 541 12.70 22.75 10.84
N GLU A 542 11.69 23.54 11.19
CA GLU A 542 10.68 23.16 12.19
C GLU A 542 9.76 22.08 11.62
N ALA A 543 9.36 22.24 10.35
CA ALA A 543 8.53 21.27 9.65
C ALA A 543 9.22 19.90 9.61
N VAL A 544 10.54 19.92 9.31
CA VAL A 544 11.34 18.71 9.22
C VAL A 544 11.43 18.03 10.59
N LYS A 545 11.59 18.83 11.66
CA LYS A 545 11.61 18.32 13.04
C LYS A 545 10.33 17.54 13.32
N MET A 546 9.18 18.12 12.94
CA MET A 546 7.86 17.49 13.10
C MET A 546 7.80 16.20 12.28
N ASN A 547 8.43 16.22 11.09
CA ASN A 547 8.49 15.08 10.18
C ASN A 547 9.31 13.94 10.81
N ARG A 548 10.43 14.29 11.46
CA ARG A 548 11.28 13.33 12.15
C ARG A 548 10.54 12.72 13.34
N LEU A 549 9.76 13.54 14.05
CA LEU A 549 9.01 13.10 15.23
C LEU A 549 7.95 12.07 14.82
N ALA A 550 7.30 12.31 13.67
CA ALA A 550 6.33 11.37 13.09
C ALA A 550 7.00 10.02 12.83
N SER A 551 8.23 10.06 12.31
CA SER A 551 9.03 8.87 12.03
C SER A 551 9.24 8.05 13.31
N ALA A 552 9.67 8.73 14.37
CA ALA A 552 9.97 8.12 15.67
C ALA A 552 8.73 7.40 16.21
N ILE A 553 7.56 8.04 16.08
CA ILE A 553 6.29 7.50 16.58
C ILE A 553 5.94 6.21 15.83
N ILE A 554 6.00 6.26 14.49
CA ILE A 554 5.59 5.16 13.60
C ILE A 554 6.40 3.89 13.90
N TYR A 555 7.69 4.05 14.22
CA TYR A 555 8.62 2.92 14.37
C TYR A 555 8.96 2.65 15.84
N THR A 556 8.27 3.33 16.77
CA THR A 556 8.23 2.92 18.18
C THR A 556 6.78 2.59 18.58
N SER A 557 5.95 2.29 17.56
CA SER A 557 4.58 1.85 17.74
C SER A 557 4.45 0.40 17.27
N GLN A 558 3.55 -0.35 17.92
CA GLN A 558 3.19 -1.71 17.50
C GLN A 558 2.32 -1.62 16.24
N GLY A 559 2.06 -2.78 15.64
CA GLY A 559 1.28 -2.90 14.41
C GLY A 559 2.19 -2.94 13.19
N ILE A 560 1.56 -2.94 12.02
CA ILE A 560 2.26 -3.02 10.74
C ILE A 560 2.60 -1.59 10.29
N SER A 561 3.87 -1.22 10.44
CA SER A 561 4.38 0.10 10.07
C SER A 561 4.22 0.32 8.57
N PHE A 562 3.67 1.48 8.19
CA PHE A 562 3.21 1.77 6.83
C PHE A 562 3.42 3.26 6.55
N THR A 563 3.90 3.56 5.33
CA THR A 563 4.15 4.93 4.88
C THR A 563 3.79 5.05 3.39
N LEU A 564 3.40 6.28 3.00
CA LEU A 564 3.33 6.65 1.59
C LEU A 564 4.77 6.69 1.04
N ALA A 565 4.94 6.19 -0.18
CA ALA A 565 6.23 6.18 -0.86
C ALA A 565 6.77 7.62 -0.94
N GLY A 566 7.83 7.90 -0.17
CA GLY A 566 8.53 9.18 -0.20
C GLY A 566 8.25 10.05 1.01
N GLU A 567 7.55 9.50 2.01
CA GLU A 567 7.33 10.17 3.30
C GLU A 567 8.68 10.47 3.96
N GLU A 568 9.65 9.57 3.74
CA GLU A 568 10.99 9.65 4.33
C GLU A 568 11.81 10.77 3.68
N MET A 569 11.37 11.27 2.52
CA MET A 569 12.05 12.37 1.81
C MET A 569 11.10 13.57 1.66
N ALA A 570 10.15 13.71 2.61
CA ALA A 570 9.24 14.86 2.69
C ALA A 570 8.49 15.05 1.36
N ARG A 571 7.81 13.99 0.91
CA ARG A 571 7.05 14.01 -0.35
C ARG A 571 5.94 15.06 -0.25
N SER A 572 5.76 15.81 -1.34
CA SER A 572 4.71 16.81 -1.49
C SER A 572 3.93 16.54 -2.77
N LYS A 573 2.60 16.80 -2.72
CA LYS A 573 1.73 16.80 -3.89
C LYS A 573 1.22 18.23 -4.12
N ASP A 574 1.92 19.22 -3.57
CA ASP A 574 1.64 20.64 -3.75
C ASP A 574 0.26 20.97 -3.18
N GLY A 575 -0.09 20.33 -2.07
CA GLY A 575 -1.33 20.61 -1.31
C GLY A 575 -2.55 19.93 -1.88
N ASP A 576 -2.36 19.00 -2.82
CA ASP A 576 -3.45 18.24 -3.45
C ASP A 576 -3.91 17.16 -2.47
N THR A 577 -5.18 17.22 -2.07
CA THR A 577 -5.77 16.35 -1.04
C THR A 577 -6.60 15.23 -1.68
N ASN A 578 -6.60 15.15 -3.02
CA ASN A 578 -7.25 14.06 -3.75
C ASN A 578 -6.69 14.03 -5.18
N SER A 579 -5.45 13.56 -5.30
CA SER A 579 -4.64 13.69 -6.52
C SER A 579 -4.85 12.48 -7.45
N TYR A 580 -6.10 12.01 -7.56
CA TYR A 580 -6.41 10.73 -8.19
C TYR A 580 -6.31 10.84 -9.72
N LYS A 581 -6.67 12.00 -10.28
CA LYS A 581 -6.53 12.25 -11.72
C LYS A 581 -5.82 13.59 -11.97
N SER A 582 -5.01 14.03 -11.00
CA SER A 582 -4.20 15.24 -11.12
C SER A 582 -2.98 14.95 -12.00
N ALA A 583 -2.26 16.01 -12.35
CA ALA A 583 -1.12 15.96 -13.27
C ALA A 583 -0.12 14.88 -12.84
N ALA A 584 0.52 14.24 -13.82
CA ALA A 584 1.48 13.17 -13.62
C ALA A 584 2.74 13.71 -12.91
N ASN A 585 3.15 14.93 -13.30
CA ASN A 585 4.39 15.53 -12.79
C ASN A 585 4.17 16.12 -11.38
N LEU A 586 2.91 16.35 -11.02
CA LEU A 586 2.55 16.74 -9.64
C LEU A 586 2.67 15.51 -8.73
N ASN A 587 2.09 14.38 -9.17
CA ASN A 587 1.99 13.16 -8.39
C ASN A 587 3.35 12.47 -8.25
N MET A 588 4.17 12.51 -9.32
CA MET A 588 5.39 11.71 -9.42
C MET A 588 6.33 12.00 -8.24
N ILE A 589 7.09 10.97 -7.83
CA ILE A 589 8.14 11.11 -6.84
C ILE A 589 9.23 12.02 -7.41
N LYS A 590 9.51 13.12 -6.71
CA LYS A 590 10.60 14.02 -7.03
C LYS A 590 11.89 13.46 -6.43
N TRP A 591 12.72 12.82 -7.27
CA TRP A 591 13.89 12.06 -6.83
C TRP A 591 15.02 12.99 -6.36
N GLN A 592 14.93 14.28 -6.69
CA GLN A 592 15.84 15.30 -6.17
C GLN A 592 15.75 15.33 -4.64
N ASN A 593 14.62 14.86 -4.08
CA ASN A 593 14.34 14.89 -2.65
C ASN A 593 15.24 13.92 -1.85
N VAL A 594 15.84 12.92 -2.52
CA VAL A 594 16.75 11.98 -1.85
C VAL A 594 18.02 12.74 -1.44
N VAL A 595 18.28 13.88 -2.08
CA VAL A 595 19.41 14.76 -1.75
C VAL A 595 18.93 15.91 -0.84
N ASP A 596 17.78 16.51 -1.18
CA ASP A 596 17.27 17.71 -0.48
C ASP A 596 16.82 17.37 0.93
N TYR A 597 16.36 16.12 1.14
CA TYR A 597 15.95 15.62 2.46
C TYR A 597 16.68 14.31 2.77
N ALA A 598 17.97 14.24 2.41
CA ALA A 598 18.80 13.04 2.61
C ALA A 598 18.89 12.70 4.10
N ASP A 599 18.90 13.75 4.94
CA ASP A 599 18.98 13.63 6.39
C ASP A 599 17.68 13.01 6.95
N VAL A 600 16.54 13.35 6.34
CA VAL A 600 15.24 12.84 6.76
C VAL A 600 15.15 11.36 6.36
N VAL A 601 15.64 11.03 5.16
CA VAL A 601 15.71 9.64 4.67
C VAL A 601 16.54 8.81 5.66
N SER A 602 17.68 9.38 6.09
CA SER A 602 18.61 8.73 7.01
C SER A 602 17.93 8.45 8.36
N TYR A 603 17.07 9.37 8.80
CA TYR A 603 16.38 9.26 10.09
C TYR A 603 15.40 8.09 10.06
N TYR A 604 14.56 8.03 9.01
CA TYR A 604 13.61 6.93 8.81
C TYR A 604 14.36 5.59 8.74
N LYS A 605 15.46 5.59 7.99
CA LYS A 605 16.30 4.41 7.76
C LYS A 605 16.74 3.82 9.10
N GLY A 606 17.17 4.70 10.02
CA GLY A 606 17.61 4.31 11.36
C GLY A 606 16.47 3.83 12.24
N MET A 607 15.35 4.57 12.23
CA MET A 607 14.16 4.24 13.03
C MET A 607 13.67 2.84 12.67
N MET A 608 13.71 2.50 11.38
CA MET A 608 13.29 1.19 10.88
C MET A 608 14.14 0.09 11.53
N GLN A 609 15.46 0.33 11.63
CA GLN A 609 16.40 -0.63 12.21
C GLN A 609 16.10 -0.86 13.70
N ILE A 610 15.69 0.20 14.40
CA ILE A 610 15.34 0.11 15.83
C ILE A 610 14.18 -0.87 16.01
N LYS A 611 13.13 -0.72 15.20
CA LYS A 611 11.92 -1.56 15.33
C LYS A 611 12.27 -3.02 15.03
N SER A 612 13.07 -3.26 13.99
CA SER A 612 13.42 -4.61 13.54
C SER A 612 14.34 -5.31 14.55
N ALA A 613 14.99 -4.53 15.42
CA ALA A 613 15.93 -5.04 16.43
C ALA A 613 15.21 -5.40 17.72
N PHE A 614 14.06 -4.75 18.00
CA PHE A 614 13.36 -4.86 19.28
C PHE A 614 12.03 -5.59 19.08
N SER A 615 11.91 -6.80 19.66
CA SER A 615 10.83 -7.76 19.38
C SER A 615 9.47 -7.24 19.85
N PRO A 616 9.36 -6.61 21.05
CA PRO A 616 8.06 -6.13 21.52
C PRO A 616 7.29 -5.25 20.51
N LEU A 617 8.03 -4.45 19.72
CA LEU A 617 7.43 -3.54 18.75
C LEU A 617 6.88 -4.30 17.54
N THR A 618 7.46 -5.47 17.24
CA THR A 618 7.07 -6.27 16.07
C THR A 618 6.25 -7.51 16.50
N ALA A 619 5.62 -7.44 17.68
CA ALA A 619 4.82 -8.56 18.21
C ALA A 619 3.50 -8.65 17.44
N MET A 620 3.05 -9.89 17.20
CA MET A 620 1.79 -10.19 16.50
C MET A 620 0.63 -10.19 17.51
N ASP A 621 0.85 -10.79 18.68
CA ASP A 621 -0.18 -11.01 19.69
C ASP A 621 -0.03 -9.96 20.81
N ASN A 622 -0.76 -10.16 21.92
CA ASN A 622 -0.89 -9.19 23.00
C ASN A 622 0.02 -9.56 24.18
N SER A 623 1.15 -10.22 23.90
CA SER A 623 2.06 -10.74 24.93
C SER A 623 2.73 -9.61 25.72
N TYR A 624 2.91 -8.45 25.07
CA TYR A 624 3.71 -7.35 25.63
C TYR A 624 2.83 -6.19 26.10
N ALA A 625 1.49 -6.37 26.07
CA ALA A 625 0.54 -5.32 26.45
C ALA A 625 0.77 -4.85 27.89
N ASP A 626 1.04 -5.81 28.79
CA ASP A 626 1.18 -5.53 30.23
C ASP A 626 2.66 -5.28 30.59
N LYS A 627 3.51 -5.11 29.58
CA LYS A 627 4.94 -4.83 29.76
C LYS A 627 5.23 -3.33 29.51
N TYR A 628 4.19 -2.56 29.16
CA TYR A 628 4.28 -1.12 28.96
C TYR A 628 4.02 -0.40 30.28
N THR A 629 4.81 0.64 30.57
CA THR A 629 4.61 1.52 31.73
C THR A 629 4.63 2.97 31.25
N PHE A 630 3.44 3.53 31.00
CA PHE A 630 3.28 4.93 30.62
C PHE A 630 3.46 5.82 31.85
N THR A 631 4.25 6.89 31.68
CA THR A 631 4.52 7.85 32.75
C THR A 631 3.21 8.54 33.15
N LYS A 632 2.53 9.12 32.14
CA LYS A 632 1.23 9.73 32.31
C LYS A 632 0.14 8.75 31.84
N LYS A 633 -1.09 9.00 32.29
CA LYS A 633 -2.27 8.29 31.83
C LYS A 633 -2.28 8.26 30.29
N VAL A 634 -2.71 7.13 29.72
CA VAL A 634 -2.64 6.91 28.26
C VAL A 634 -3.48 7.98 27.55
N SER A 635 -4.60 8.38 28.17
CA SER A 635 -5.55 9.34 27.62
C SER A 635 -5.21 10.79 28.01
N ALA A 636 -3.99 11.02 28.53
CA ALA A 636 -3.59 12.32 29.06
C ALA A 636 -3.49 13.35 27.95
N SER A 637 -3.94 14.59 28.25
CA SER A 637 -3.62 15.77 27.46
C SER A 637 -2.26 16.31 27.91
N THR A 638 -1.24 16.13 27.05
CA THR A 638 0.15 16.33 27.45
C THR A 638 1.01 16.73 26.23
N ASN A 639 2.09 17.46 26.51
CA ASN A 639 3.09 17.85 25.52
C ASN A 639 4.17 16.76 25.41
N GLN A 640 4.32 15.95 26.46
CA GLN A 640 5.34 14.90 26.54
C GLN A 640 4.68 13.55 26.84
N ILE A 641 4.72 12.64 25.85
CA ILE A 641 4.36 11.24 26.02
C ILE A 641 5.64 10.45 26.30
N SER A 642 5.59 9.55 27.29
CA SER A 642 6.72 8.68 27.60
C SER A 642 6.25 7.35 28.19
N PHE A 643 6.98 6.27 27.86
CA PHE A 643 6.68 4.92 28.33
C PHE A 643 7.94 4.04 28.20
N THR A 644 7.99 2.98 29.01
CA THR A 644 9.01 1.94 28.90
C THR A 644 8.36 0.62 28.46
N ILE A 645 9.13 -0.21 27.76
CA ILE A 645 8.71 -1.54 27.31
C ILE A 645 9.70 -2.57 27.88
N GLN A 646 9.19 -3.50 28.70
CA GLN A 646 9.97 -4.63 29.19
C GLN A 646 9.97 -5.73 28.12
N ASN A 647 11.18 -6.06 27.63
CA ASN A 647 11.40 -7.16 26.69
C ASN A 647 11.65 -8.44 27.49
N ASP A 648 11.47 -9.59 26.83
CA ASP A 648 11.73 -10.90 27.44
C ASP A 648 12.54 -11.80 26.49
N VAL A 649 13.02 -11.25 25.37
CA VAL A 649 13.73 -12.02 24.35
C VAL A 649 15.23 -11.93 24.64
N GLU A 650 15.85 -13.10 24.83
CA GLU A 650 17.28 -13.21 25.11
C GLU A 650 18.07 -12.83 23.86
N GLY A 651 19.14 -12.04 24.07
CA GLY A 651 20.01 -11.55 22.99
C GLY A 651 19.57 -10.20 22.47
N GLU A 652 18.50 -9.64 23.05
CA GLU A 652 17.98 -8.33 22.69
C GLU A 652 18.10 -7.39 23.90
N TRP A 653 17.80 -6.11 23.68
CA TRP A 653 17.73 -5.11 24.75
C TRP A 653 16.64 -5.53 25.74
N ASN A 654 16.90 -5.31 27.04
CA ASN A 654 16.01 -5.74 28.11
C ASN A 654 14.80 -4.80 28.19
N LYS A 655 15.04 -3.49 28.05
CA LYS A 655 14.01 -2.47 28.23
C LYS A 655 14.30 -1.26 27.34
N MET A 656 13.26 -0.75 26.68
CA MET A 656 13.32 0.45 25.86
C MET A 656 12.51 1.56 26.54
N ALA A 657 13.00 2.80 26.46
CA ALA A 657 12.28 3.99 26.91
C ALA A 657 12.05 4.91 25.71
N VAL A 658 10.78 5.28 25.49
CA VAL A 658 10.37 6.12 24.36
C VAL A 658 9.73 7.40 24.93
N ILE A 659 10.15 8.55 24.39
CA ILE A 659 9.59 9.85 24.75
C ILE A 659 9.30 10.64 23.46
N TYR A 660 8.09 11.19 23.36
CA TYR A 660 7.71 12.15 22.32
C TYR A 660 7.50 13.52 22.97
N ASN A 661 8.16 14.55 22.42
CA ASN A 661 8.04 15.93 22.89
C ASN A 661 7.57 16.81 21.73
N ASN A 662 6.40 17.45 21.88
CA ASN A 662 5.82 18.31 20.86
C ASN A 662 5.86 19.79 21.29
N ALA A 663 6.48 20.06 22.44
CA ALA A 663 6.63 21.44 22.94
C ALA A 663 7.67 22.18 22.08
N THR A 664 7.56 23.51 22.05
CA THR A 664 8.46 24.37 21.28
C THR A 664 9.77 24.60 22.06
N THR A 665 9.76 24.24 23.35
CA THR A 665 10.95 24.27 24.20
C THR A 665 11.33 22.84 24.60
N ALA A 666 12.59 22.66 25.00
CA ALA A 666 13.08 21.39 25.54
C ALA A 666 12.38 21.10 26.86
N ALA A 667 12.18 19.81 27.15
CA ALA A 667 11.44 19.36 28.33
C ALA A 667 12.24 18.26 29.06
N ASP A 668 12.36 18.41 30.38
CA ASP A 668 12.92 17.39 31.25
C ASP A 668 11.81 16.40 31.64
N VAL A 669 11.94 15.16 31.17
CA VAL A 669 10.92 14.12 31.35
C VAL A 669 11.48 13.04 32.30
N THR A 670 10.81 12.87 33.44
CA THR A 670 11.15 11.84 34.43
C THR A 670 10.17 10.66 34.25
N LEU A 671 10.72 9.47 34.03
CA LEU A 671 9.94 8.24 33.87
C LEU A 671 9.44 7.78 35.24
N SER A 672 8.19 7.31 35.29
CA SER A 672 7.60 6.72 36.50
C SER A 672 8.28 5.37 36.78
N ASP A 673 8.62 4.65 35.70
CA ASP A 673 9.39 3.41 35.79
C ASP A 673 10.84 3.74 36.11
N THR A 674 11.31 3.32 37.29
CA THR A 674 12.64 3.65 37.81
C THR A 674 13.51 2.38 37.94
N SER A 675 13.07 1.28 37.32
CA SER A 675 13.72 -0.02 37.45
C SER A 675 15.10 0.00 36.77
N VAL A 676 15.26 0.84 35.74
CA VAL A 676 16.52 1.02 35.01
C VAL A 676 16.96 2.49 35.18
N THR A 677 18.20 2.68 35.63
CA THR A 677 18.77 4.01 35.86
C THR A 677 20.10 4.17 35.10
N ASP A 678 20.31 3.33 34.07
CA ASP A 678 21.49 3.39 33.21
C ASP A 678 21.05 3.13 31.77
N TRP A 679 21.02 4.19 30.96
CA TRP A 679 20.44 4.16 29.62
C TRP A 679 21.50 4.47 28.56
N VAL A 680 21.26 3.98 27.34
CA VAL A 680 22.00 4.32 26.13
C VAL A 680 21.00 4.89 25.11
N VAL A 681 21.20 6.14 24.70
CA VAL A 681 20.35 6.80 23.72
C VAL A 681 20.72 6.28 22.33
N ILE A 682 19.72 5.79 21.59
CA ILE A 682 19.90 5.28 20.22
C ILE A 682 19.08 6.11 19.22
N ALA A 683 18.33 7.11 19.71
CA ALA A 683 17.62 8.05 18.83
C ALA A 683 17.37 9.37 19.57
N ASN A 684 17.55 10.48 18.85
CA ASN A 684 17.29 11.84 19.33
C ASN A 684 16.75 12.64 18.14
N GLY A 685 16.82 13.98 18.23
CA GLY A 685 16.35 14.87 17.16
C GLY A 685 17.32 14.95 15.99
N GLU A 686 18.56 14.49 16.19
CA GLU A 686 19.63 14.56 15.20
C GLU A 686 19.61 13.31 14.32
N THR A 687 19.60 12.13 14.95
CA THR A 687 19.76 10.84 14.25
C THR A 687 19.06 9.72 15.01
N ALA A 688 18.79 8.63 14.29
CA ALA A 688 18.27 7.37 14.83
C ALA A 688 19.09 6.20 14.24
N GLY A 689 19.24 5.12 15.02
CA GLY A 689 20.03 3.96 14.59
C GLY A 689 20.24 2.97 15.71
N LEU A 690 21.27 2.12 15.55
CA LEU A 690 21.61 1.07 16.51
C LEU A 690 22.86 1.43 17.31
N ASP A 691 23.39 2.64 17.10
CA ASP A 691 24.62 3.11 17.74
C ASP A 691 24.27 3.99 18.96
N SER A 692 25.21 4.05 19.91
CA SER A 692 25.10 4.89 21.10
C SER A 692 25.34 6.35 20.71
N LEU A 693 24.42 7.23 21.13
CA LEU A 693 24.48 8.67 20.88
C LEU A 693 24.75 9.42 22.18
N GLY A 694 25.12 8.69 23.23
CA GLY A 694 25.30 9.23 24.58
C GLY A 694 24.53 8.42 25.60
N GLU A 695 24.89 8.58 26.87
CA GLU A 695 24.30 7.84 27.98
C GLU A 695 23.55 8.80 28.91
N VAL A 696 22.59 8.25 29.66
CA VAL A 696 21.84 8.97 30.68
C VAL A 696 21.80 8.12 31.95
N THR A 697 22.12 8.76 33.08
CA THR A 697 22.07 8.16 34.41
C THR A 697 20.85 8.70 35.15
N GLY A 698 20.07 7.80 35.76
CA GLY A 698 18.82 8.14 36.45
C GLY A 698 17.61 7.89 35.57
N SER A 699 16.51 8.58 35.89
CA SER A 699 15.21 8.37 35.25
C SER A 699 14.76 9.63 34.48
N THR A 700 15.60 10.66 34.44
CA THR A 700 15.26 11.95 33.82
C THR A 700 16.04 12.12 32.51
N PHE A 701 15.32 12.50 31.45
CA PHE A 701 15.88 12.77 30.13
C PHE A 701 15.52 14.19 29.69
N THR A 702 16.52 14.95 29.23
CA THR A 702 16.30 16.24 28.58
C THR A 702 16.00 16.00 27.10
N VAL A 703 14.73 16.21 26.73
CA VAL A 703 14.24 15.99 25.37
C VAL A 703 14.20 17.33 24.64
N PRO A 704 14.91 17.48 23.50
CA PRO A 704 14.84 18.71 22.70
C PRO A 704 13.41 19.00 22.21
N ALA A 705 13.17 20.26 21.82
CA ALA A 705 11.88 20.70 21.28
C ALA A 705 11.54 19.92 20.02
N ARG A 706 10.27 19.49 19.92
CA ARG A 706 9.73 18.84 18.72
C ARG A 706 10.66 17.70 18.28
N SER A 707 10.88 16.75 19.20
CA SER A 707 11.80 15.64 18.97
C SER A 707 11.44 14.46 19.88
N ALA A 708 11.98 13.28 19.54
CA ALA A 708 11.81 12.07 20.31
C ALA A 708 13.15 11.63 20.89
N ILE A 709 13.09 10.89 22.02
CA ILE A 709 14.20 10.13 22.56
C ILE A 709 13.79 8.66 22.59
N VAL A 710 14.67 7.80 22.06
CA VAL A 710 14.60 6.36 22.27
C VAL A 710 15.91 5.94 22.96
N ALA A 711 15.77 5.28 24.12
CA ALA A 711 16.90 4.80 24.89
C ALA A 711 16.64 3.35 25.31
N VAL A 712 17.72 2.61 25.56
CA VAL A 712 17.65 1.23 26.04
C VAL A 712 18.63 1.07 27.19
N ASP A 713 18.37 0.07 28.04
CA ASP A 713 19.17 -0.19 29.23
C ASP A 713 20.63 -0.44 28.81
N LYS A 714 21.56 0.11 29.61
CA LYS A 714 23.00 0.02 29.37
C LYS A 714 23.41 -1.45 29.28
N ALA A 715 23.10 -2.22 30.33
CA ALA A 715 23.45 -3.64 30.44
C ALA A 715 22.99 -4.40 29.18
N GLY A 716 21.75 -4.12 28.76
CA GLY A 716 21.14 -4.76 27.59
C GLY A 716 21.86 -4.42 26.30
N TYR A 717 22.24 -3.15 26.14
CA TYR A 717 22.94 -2.66 24.95
C TYR A 717 24.31 -3.35 24.83
N GLU A 718 25.00 -3.48 25.98
CA GLU A 718 26.35 -4.04 26.03
C GLU A 718 26.32 -5.53 25.66
N SER A 719 25.36 -6.27 26.23
CA SER A 719 25.29 -7.72 26.12
C SER A 719 24.78 -8.16 24.74
N ALA A 720 23.77 -7.45 24.23
CA ALA A 720 23.07 -7.82 22.99
C ALA A 720 24.02 -7.77 21.79
N GLY A 721 24.91 -6.77 21.77
CA GLY A 721 25.90 -6.60 20.71
C GLY A 721 25.27 -6.13 19.42
N ILE A 722 24.10 -5.48 19.52
CA ILE A 722 23.42 -4.89 18.37
C ILE A 722 24.07 -3.53 18.09
N HIS A 723 24.81 -3.46 16.98
CA HIS A 723 25.53 -2.25 16.58
C HIS A 723 25.21 -1.94 15.11
N SER A 724 25.45 -0.68 14.72
CA SER A 724 25.21 -0.21 13.36
C SER A 724 26.36 -0.65 12.45
N SER A 725 26.02 -1.00 11.21
CA SER A 725 26.98 -1.29 10.15
C SER A 725 26.92 -0.20 9.07
N LYS A 726 26.31 0.95 9.42
CA LYS A 726 26.12 2.08 8.53
C LYS A 726 27.17 3.15 8.83
N GLY A 727 27.60 3.86 7.78
CA GLY A 727 28.45 5.04 7.91
C GLY A 727 27.61 6.28 8.15
N LYS A 728 28.25 7.34 8.65
CA LYS A 728 27.59 8.62 8.90
C LYS A 728 28.37 9.76 8.22
N VAL A 729 27.64 10.80 7.81
CA VAL A 729 28.19 12.04 7.30
C VAL A 729 27.48 13.21 8.02
N LYS A 730 28.24 13.98 8.79
CA LYS A 730 27.75 15.16 9.47
C LYS A 730 27.96 16.39 8.57
N VAL A 731 26.87 17.09 8.28
CA VAL A 731 26.89 18.29 7.42
C VAL A 731 26.72 19.52 8.33
N ASN A 732 27.65 20.48 8.19
CA ASN A 732 27.68 21.71 8.99
C ASN A 732 27.51 22.92 8.06
N TYR A 733 27.01 24.03 8.63
CA TYR A 733 26.80 25.28 7.93
C TYR A 733 27.33 26.43 8.79
N VAL A 734 28.51 26.94 8.42
CA VAL A 734 29.27 27.88 9.25
C VAL A 734 29.43 29.21 8.50
N TYR A 735 29.32 30.31 9.26
CA TYR A 735 29.69 31.65 8.79
C TYR A 735 31.20 31.82 9.00
N GLU A 736 31.94 31.94 7.90
CA GLU A 736 33.40 31.76 7.87
C GLU A 736 34.11 32.80 8.76
N ALA A 737 33.58 34.02 8.79
CA ALA A 737 34.21 35.15 9.49
C ALA A 737 34.22 34.91 11.01
N THR A 738 33.08 34.48 11.56
CA THR A 738 32.91 34.27 13.00
C THR A 738 33.24 32.83 13.41
N GLY A 739 32.92 31.87 12.52
CA GLY A 739 33.05 30.45 12.80
C GLY A 739 31.80 29.88 13.45
N GLU A 740 30.76 30.71 13.59
CA GLU A 740 29.50 30.32 14.20
C GLU A 740 28.62 29.61 13.17
N LYS A 741 27.79 28.69 13.65
CA LYS A 741 26.85 27.95 12.81
C LYS A 741 25.66 28.85 12.47
N LEU A 742 25.24 28.82 11.20
CA LEU A 742 24.07 29.55 10.71
C LEU A 742 22.81 28.69 10.85
N GLU A 743 22.99 27.36 10.84
CA GLU A 743 21.90 26.39 10.90
C GLU A 743 22.40 25.13 11.60
N ASP A 744 21.48 24.41 12.25
CA ASP A 744 21.78 23.16 12.95
C ASP A 744 22.39 22.15 11.97
N SER A 745 23.45 21.46 12.40
CA SER A 745 24.07 20.38 11.65
C SER A 745 23.09 19.22 11.54
N VAL A 746 23.20 18.45 10.44
CA VAL A 746 22.36 17.29 10.20
C VAL A 746 23.25 16.06 10.00
N ILE A 747 22.64 14.87 10.06
CA ILE A 747 23.31 13.60 9.92
C ILE A 747 22.71 12.84 8.74
N LEU A 748 23.58 12.47 7.78
CA LEU A 748 23.29 11.44 6.79
C LEU A 748 23.86 10.12 7.31
N GLN A 749 23.22 9.02 6.91
CA GLN A 749 23.56 7.68 7.38
C GLN A 749 23.19 6.67 6.28
N GLY A 750 24.13 5.79 5.93
CA GLY A 750 23.93 4.80 4.88
C GLY A 750 24.99 3.72 4.88
N SER A 751 24.74 2.67 4.08
CA SER A 751 25.63 1.52 3.93
C SER A 751 27.04 1.99 3.59
N VAL A 752 28.04 1.35 4.22
CA VAL A 752 29.44 1.57 3.91
C VAL A 752 29.66 1.20 2.43
N GLY A 753 30.18 2.15 1.66
CA GLY A 753 30.48 1.96 0.24
C GLY A 753 29.42 2.56 -0.68
N SER A 754 28.23 2.84 -0.14
CA SER A 754 27.15 3.45 -0.90
C SER A 754 27.40 4.94 -1.06
N GLY A 755 26.92 5.51 -2.17
CA GLY A 755 27.14 6.92 -2.51
C GLY A 755 26.19 7.84 -1.78
N TYR A 756 26.71 9.02 -1.40
CA TYR A 756 25.92 10.08 -0.78
C TYR A 756 26.20 11.41 -1.51
N VAL A 757 25.20 12.30 -1.51
CA VAL A 757 25.33 13.66 -2.02
C VAL A 757 24.72 14.61 -0.98
N THR A 758 25.55 15.54 -0.48
CA THR A 758 25.09 16.62 0.40
C THR A 758 24.94 17.89 -0.44
N VAL A 759 24.21 18.86 0.13
CA VAL A 759 23.93 20.14 -0.53
C VAL A 759 23.94 21.24 0.55
N PRO A 760 24.08 22.53 0.15
CA PRO A 760 23.91 23.64 1.09
C PRO A 760 22.51 23.63 1.72
N SER A 761 22.41 24.17 2.94
CA SER A 761 21.13 24.26 3.65
C SER A 761 20.20 25.23 2.91
N ALA A 762 19.01 24.75 2.56
CA ALA A 762 18.05 25.48 1.75
C ALA A 762 17.41 26.63 2.54
N VAL A 763 17.39 26.52 3.88
CA VAL A 763 16.63 27.42 4.75
C VAL A 763 17.48 28.62 5.18
N ILE A 764 18.80 28.58 4.96
CA ILE A 764 19.68 29.69 5.32
C ILE A 764 19.31 30.90 4.47
N PRO A 765 19.15 32.11 5.07
CA PRO A 765 18.75 33.30 4.33
C PRO A 765 19.59 33.58 3.08
N ASP A 766 18.99 34.31 2.12
CA ASP A 766 19.57 34.54 0.81
C ASP A 766 20.68 35.61 0.88
N THR A 767 20.94 36.16 2.07
CA THR A 767 22.00 37.13 2.29
C THR A 767 23.33 36.43 2.63
N TYR A 768 23.31 35.09 2.70
CA TYR A 768 24.52 34.28 2.77
C TYR A 768 24.62 33.38 1.53
N ILE A 769 25.86 33.12 1.10
CA ILE A 769 26.14 32.20 0.00
C ILE A 769 27.41 31.39 0.36
N VAL A 770 27.49 30.16 -0.16
CA VAL A 770 28.62 29.27 0.08
C VAL A 770 29.85 29.85 -0.64
N SER A 771 30.93 30.05 0.13
CA SER A 771 32.20 30.58 -0.37
C SER A 771 33.25 29.47 -0.50
N ARG A 772 33.08 28.39 0.30
CA ARG A 772 34.09 27.35 0.44
C ARG A 772 33.44 26.10 1.06
N ILE A 773 34.02 24.93 0.79
CA ILE A 773 33.53 23.66 1.32
C ILE A 773 34.72 22.88 1.90
N GLY A 774 34.57 22.45 3.16
CA GLY A 774 35.49 21.53 3.82
C GLY A 774 34.94 20.11 3.83
N GLY A 775 35.80 19.13 3.54
CA GLY A 775 35.41 17.73 3.42
C GLY A 775 34.80 17.43 2.06
N ASN A 776 34.25 16.21 1.93
CA ASN A 776 33.75 15.69 0.66
C ASN A 776 32.22 15.86 0.60
N ALA A 777 31.77 16.86 -0.17
CA ALA A 777 30.35 17.15 -0.39
C ALA A 777 29.65 15.93 -1.02
N GLU A 778 30.39 15.21 -1.87
CA GLU A 778 29.93 13.97 -2.50
C GLU A 778 31.01 12.90 -2.29
N GLY A 779 30.58 11.68 -1.98
CA GLY A 779 31.50 10.56 -1.78
C GLY A 779 30.77 9.28 -1.39
N LYS A 780 31.51 8.37 -0.75
CA LYS A 780 30.98 7.11 -0.24
C LYS A 780 31.10 7.10 1.29
N TYR A 781 30.14 6.46 1.94
CA TYR A 781 30.13 6.31 3.40
C TYR A 781 31.32 5.43 3.83
N THR A 782 31.97 5.84 4.92
CA THR A 782 33.00 5.05 5.59
C THR A 782 32.51 4.70 6.99
N SER A 783 33.18 3.72 7.62
CA SER A 783 32.85 3.27 8.97
C SER A 783 32.98 4.43 9.96
N ASP A 784 34.12 5.13 9.92
CA ASP A 784 34.35 6.33 10.70
C ASP A 784 33.60 7.50 10.06
N MET A 785 33.03 8.37 10.89
CA MET A 785 32.17 9.47 10.45
C MET A 785 33.03 10.51 9.69
N GLN A 786 32.49 10.99 8.57
CA GLN A 786 33.07 12.09 7.80
C GLN A 786 32.25 13.36 8.07
N GLU A 787 32.90 14.52 8.02
CA GLU A 787 32.25 15.81 8.20
C GLU A 787 32.35 16.63 6.90
N VAL A 788 31.30 17.38 6.61
CA VAL A 788 31.24 18.34 5.51
C VAL A 788 30.76 19.67 6.08
N THR A 789 31.62 20.70 5.97
CA THR A 789 31.27 22.05 6.40
C THR A 789 31.07 22.94 5.17
N TYR A 790 29.89 23.56 5.08
CA TYR A 790 29.60 24.61 4.12
C TYR A 790 29.92 25.97 4.76
N TYR A 791 30.97 26.62 4.26
CA TYR A 791 31.44 27.91 4.77
C TYR A 791 30.75 29.03 3.98
N TYR A 792 30.06 29.92 4.70
CA TYR A 792 29.22 30.96 4.11
C TYR A 792 29.87 32.34 4.28
N THR A 793 29.62 33.22 3.31
CA THR A 793 30.06 34.61 3.33
C THR A 793 28.85 35.51 3.06
N ASP A 794 29.03 36.82 3.18
CA ASP A 794 27.99 37.81 2.95
C ASP A 794 27.65 37.86 1.46
N TYR A 795 26.36 37.98 1.14
CA TYR A 795 25.86 38.01 -0.22
C TYR A 795 24.65 38.95 -0.30
N ILE A 796 24.43 39.53 -1.48
CA ILE A 796 23.27 40.37 -1.78
C ILE A 796 22.66 39.90 -3.10
N PRO A 797 21.50 39.20 -3.07
CA PRO A 797 20.88 38.68 -4.30
C PRO A 797 20.08 39.76 -5.04
C2 BGC B . -9.01 4.38 -2.09
C3 BGC B . -9.42 5.75 -2.60
C4 BGC B . -10.54 5.62 -3.63
C5 BGC B . -11.69 4.81 -3.03
C6 BGC B . -12.84 4.66 -4.01
C1 BGC B . -10.22 3.59 -1.60
O1 BGC B . -9.81 2.28 -1.23
O2 BGC B . -8.07 4.50 -1.02
O3 BGC B . -8.26 6.40 -3.15
O4 BGC B . -11.03 6.91 -4.02
O5 BGC B . -11.20 3.52 -2.64
O6 BGC B . -13.84 3.78 -3.47
C1 GLC B . -10.34 7.41 -5.18
C2 GLC B . -10.53 8.92 -5.27
C3 GLC B . -11.96 9.28 -5.69
C4 GLC B . -12.33 8.53 -6.96
C5 GLC B . -12.11 7.03 -6.78
C6 GLC B . -12.42 6.24 -8.04
O2 GLC B . -10.25 9.51 -4.00
O3 GLC B . -12.07 10.69 -5.89
O4 GLC B . -13.72 8.78 -7.26
O5 GLC B . -10.75 6.78 -6.40
O6 GLC B . -11.40 6.44 -9.03
C1 GLC B . -13.85 9.73 -8.35
C2 GLC B . -15.03 10.66 -8.08
C3 GLC B . -16.36 9.93 -8.26
C4 GLC B . -16.40 9.25 -9.62
C5 GLC B . -15.19 8.33 -9.76
C6 GLC B . -15.16 7.58 -11.09
O2 GLC B . -14.95 11.19 -6.76
O3 GLC B . -17.44 10.85 -8.12
O4 GLC B . -17.62 8.49 -9.75
O5 GLC B . -13.99 9.09 -9.62
O6 GLC B . -15.15 8.52 -12.18
C1 GLC B . -18.59 9.14 -10.61
C2 GLC B . -19.99 8.99 -10.00
C3 GLC B . -20.50 7.56 -10.11
C4 GLC B . -20.42 7.07 -11.55
C5 GLC B . -18.98 7.24 -12.04
C6 GLC B . -18.77 6.76 -13.47
O2 GLC B . -19.96 9.39 -8.63
O3 GLC B . -21.85 7.53 -9.62
O4 GLC B . -20.79 5.68 -11.70
O5 GLC B . -18.59 8.61 -11.93
O6 GLC B . -19.54 7.56 -14.37
C1 GLC B . -22.22 5.43 -11.70
C2 GLC B . -22.49 3.98 -12.11
C3 GLC B . -22.34 3.78 -13.62
C4 GLC B . -23.23 4.77 -14.36
C5 GLC B . -22.88 6.19 -13.92
C6 GLC B . -23.79 7.21 -14.60
O2 GLC B . -21.57 3.11 -11.44
O3 GLC B . -22.71 2.44 -13.97
O4 GLC B . -23.07 4.62 -15.77
O5 GLC B . -23.01 6.33 -12.50
O6 GLC B . -23.60 8.50 -14.01
C1 GLC C . -16.35 16.92 8.24
C2 GLC C . -15.22 16.93 9.26
C3 GLC C . -14.61 15.54 9.41
C4 GLC C . -15.68 14.48 9.66
C5 GLC C . -16.83 14.59 8.65
C6 GLC C . -17.99 13.66 8.97
O1 GLC C . -15.84 16.66 6.93
O2 GLC C . -14.22 17.86 8.84
O3 GLC C . -13.68 15.54 10.51
O4 GLC C . -15.08 13.17 9.57
O5 GLC C . -17.33 15.93 8.60
O6 GLC C . -18.16 12.71 7.91
C1 GLC C . -15.48 12.30 10.66
C2 GLC C . -14.25 11.79 11.39
C3 GLC C . -13.41 10.91 10.47
C4 GLC C . -14.24 9.84 9.77
C5 GLC C . -15.63 10.30 9.31
C6 GLC C . -16.53 9.09 9.11
O2 GLC C . -13.46 12.89 11.86
O3 GLC C . -12.39 10.27 11.25
O4 GLC C . -13.51 9.43 8.60
O5 GLC C . -16.26 11.18 10.24
O6 GLC C . -17.80 9.52 8.59
C1 GLC C . -13.16 8.03 8.59
C2 GLC C . -11.67 7.90 8.26
C3 GLC C . -11.39 8.43 6.87
C4 GLC C . -12.29 7.76 5.84
C5 GLC C . -13.76 7.76 6.28
C6 GLC C . -14.61 6.87 5.38
O2 GLC C . -10.91 8.62 9.24
O3 GLC C . -10.02 8.20 6.52
O4 GLC C . -12.15 8.45 4.59
O5 GLC C . -13.89 7.28 7.62
O6 GLC C . -15.93 7.42 5.26
CA CA D . -7.05 0.14 -18.69
C1 GOL E . -0.90 5.60 -21.51
O1 GOL E . 0.11 6.13 -20.65
C2 GOL E . -0.30 5.20 -22.86
O2 GOL E . 0.58 6.24 -23.33
C3 GOL E . 0.47 3.90 -22.73
O3 GOL E . -0.38 2.75 -22.94
C1 GOL F . 19.35 8.84 0.11
O1 GOL F . 20.00 10.06 -0.27
C2 GOL F . 19.96 8.30 1.41
O2 GOL F . 19.53 6.95 1.61
C3 GOL F . 21.49 8.36 1.35
O3 GOL F . 22.04 7.54 2.38
C1 GOL G . 20.05 19.22 4.46
O1 GOL G . 19.56 20.55 4.64
C2 GOL G . 21.24 19.21 3.51
O2 GOL G . 22.01 20.42 3.65
C3 GOL G . 22.15 18.02 3.81
O3 GOL G . 22.82 17.59 2.62
C1 GOL H . 9.94 15.44 -16.43
O1 GOL H . 10.80 14.91 -15.41
C2 GOL H . 8.62 14.68 -16.44
O2 GOL H . 7.56 15.56 -16.03
C3 GOL H . 8.29 14.13 -17.83
O3 GOL H . 9.33 13.28 -18.33
C1 GOL I . 10.13 -2.05 10.44
O1 GOL I . 9.45 -2.87 11.40
C2 GOL I . 11.39 -2.75 9.93
O2 GOL I . 11.25 -4.18 10.03
C3 GOL I . 11.62 -2.36 8.47
O3 GOL I . 12.94 -2.66 8.01
#